data_2LB4
# 
_entry.id   2LB4 
# 
_audit_conform.dict_name       mmcif_pdbx.dic 
_audit_conform.dict_version    5.391 
_audit_conform.dict_location   http://mmcif.pdb.org/dictionaries/ascii/mmcif_pdbx.dic 
# 
loop_
_database_2.database_id 
_database_2.database_code 
_database_2.pdbx_database_accession 
_database_2.pdbx_DOI 
PDB   2LB4         pdb_00002lb4 10.2210/pdb2lb4/pdb 
RCSB  RCSB102180   ?            ?                   
WWPDB D_1000102180 ?            ?                   
# 
loop_
_pdbx_audit_revision_history.ordinal 
_pdbx_audit_revision_history.data_content_type 
_pdbx_audit_revision_history.major_revision 
_pdbx_audit_revision_history.minor_revision 
_pdbx_audit_revision_history.revision_date 
1 'Structure model' 1 0 2011-06-29 
2 'Structure model' 1 1 2011-07-13 
3 'Structure model' 1 2 2024-05-01 
# 
_pdbx_audit_revision_details.ordinal             1 
_pdbx_audit_revision_details.revision_ordinal    1 
_pdbx_audit_revision_details.data_content_type   'Structure model' 
_pdbx_audit_revision_details.provider            repository 
_pdbx_audit_revision_details.type                'Initial release' 
_pdbx_audit_revision_details.description         ? 
_pdbx_audit_revision_details.details             ? 
# 
loop_
_pdbx_audit_revision_group.ordinal 
_pdbx_audit_revision_group.revision_ordinal 
_pdbx_audit_revision_group.data_content_type 
_pdbx_audit_revision_group.group 
1 2 'Structure model' 'Version format compliance' 
2 3 'Structure model' 'Data collection'           
3 3 'Structure model' 'Database references'       
4 3 'Structure model' 'Derived calculations'      
# 
loop_
_pdbx_audit_revision_category.ordinal 
_pdbx_audit_revision_category.revision_ordinal 
_pdbx_audit_revision_category.data_content_type 
_pdbx_audit_revision_category.category 
1 3 'Structure model' chem_comp_atom        
2 3 'Structure model' chem_comp_bond        
3 3 'Structure model' database_2            
4 3 'Structure model' pdbx_nmr_software     
5 3 'Structure model' pdbx_nmr_spectrometer 
6 3 'Structure model' struct_conn           
# 
loop_
_pdbx_audit_revision_item.ordinal 
_pdbx_audit_revision_item.revision_ordinal 
_pdbx_audit_revision_item.data_content_type 
_pdbx_audit_revision_item.item 
1 3 'Structure model' '_database_2.pdbx_DOI'                
2 3 'Structure model' '_database_2.pdbx_database_accession' 
3 3 'Structure model' '_pdbx_nmr_software.name'             
4 3 'Structure model' '_pdbx_nmr_spectrometer.model'        
5 3 'Structure model' '_struct_conn.pdbx_leaving_atom_flag' 
# 
_pdbx_database_status.deposit_site                    BMRB 
_pdbx_database_status.entry_id                        2LB4 
_pdbx_database_status.process_site                    RCSB 
_pdbx_database_status.recvd_initial_deposition_date   2011-03-22 
_pdbx_database_status.SG_entry                        ? 
_pdbx_database_status.status_code                     REL 
_pdbx_database_status.status_code_mr                  REL 
_pdbx_database_status.status_code_sf                  ? 
_pdbx_database_status.status_code_cs                  REL 
_pdbx_database_status.pdb_format_compatible           Y 
_pdbx_database_status.status_code_nmr_data            ? 
_pdbx_database_status.methods_development_category    ? 
# 
loop_
_pdbx_database_related.content_type 
_pdbx_database_related.db_id 
_pdbx_database_related.db_name 
_pdbx_database_related.details 
unspecified 2LAR  PDB  'DNA / RNA hybrid containing other stereo specific borano modification' 
unspecified 17535 BMRB 'DNA / RNA hybrid containing other stereo specific borano modification' 
# 
loop_
_audit_author.name 
_audit_author.pdbx_ordinal 
'Johnson, C.N.' 1 
'Spring, A.M.'  2 
'Shaw, B.R.'    3 
'Germann, M.W.' 4 
# 
_citation.id                        primary 
_citation.title                     
'Structural Basis of the RNase H1 Activity on Stereo Regular Borano Phosphonate DNA/RNA Hybrids.' 
_citation.journal_abbrev            Biochemistry 
_citation.journal_volume            50 
_citation.page_first                3903 
_citation.page_last                 3912 
_citation.year                      2011 
_citation.journal_id_ASTM           BICHAW 
_citation.country                   US 
_citation.journal_id_ISSN           0006-2960 
_citation.journal_id_CSD            0033 
_citation.book_publisher            ? 
_citation.pdbx_database_id_PubMed   21443203 
_citation.pdbx_database_id_DOI      10.1021/bi200083d 
# 
loop_
_citation_author.citation_id 
_citation_author.name 
_citation_author.ordinal 
_citation_author.identifier_ORCID 
primary 'Johnson, C.N.' 1 ? 
primary 'Spring, A.M.'  2 ? 
primary 'Sergueev, D.'  3 ? 
primary 'Shaw, B.R.'    4 ? 
primary 'Germann, M.W.' 5 ? 
# 
loop_
_entity.id 
_entity.type 
_entity.src_method 
_entity.pdbx_description 
_entity.formula_weight 
_entity.pdbx_number_of_molecules 
_entity.pdbx_ec 
_entity.pdbx_mutation 
_entity.pdbx_fragment 
_entity.details 
1 polymer syn "DNA_(5'-D(*AP*TP*GP*GP*TP*BGR*CP*TP*C)-3')_" 2743.637 1 ? ? ? ? 
2 polymer syn "RNA_(5'-R(*GP*AP*GP*CP*AP*CP*CP*AP*U)-3')_"  2854.782 1 ? ? ? ? 
# 
loop_
_entity_poly.entity_id 
_entity_poly.type 
_entity_poly.nstd_linkage 
_entity_poly.nstd_monomer 
_entity_poly.pdbx_seq_one_letter_code 
_entity_poly.pdbx_seq_one_letter_code_can 
_entity_poly.pdbx_strand_id 
_entity_poly.pdbx_target_identifier 
1 polydeoxyribonucleotide no yes '(DA)(DT)(DG)(DG)(DT)(BGR)(DC)(DT)(DC)' ATGGTXCTC A ? 
2 polyribonucleotide      no no  GAGCACCAU                               GAGCACCAU B ? 
# 
loop_
_entity_poly_seq.entity_id 
_entity_poly_seq.num 
_entity_poly_seq.mon_id 
_entity_poly_seq.hetero 
1 1 DA  n 
1 2 DT  n 
1 3 DG  n 
1 4 DG  n 
1 5 DT  n 
1 6 BGR n 
1 7 DC  n 
1 8 DT  n 
1 9 DC  n 
2 1 G   n 
2 2 A   n 
2 3 G   n 
2 4 C   n 
2 5 A   n 
2 6 C   n 
2 7 C   n 
2 8 A   n 
2 9 U   n 
# 
loop_
_chem_comp.id 
_chem_comp.type 
_chem_comp.mon_nstd_flag 
_chem_comp.name 
_chem_comp.pdbx_synonyms 
_chem_comp.formula 
_chem_comp.formula_weight 
A   'RNA linking' y "ADENOSINE-5'-MONOPHOSPHATE"                                                                               ? 
'C10 H14 N5 O7 P'      347.221 
BGR non-polymer   . '[[(2R,3S,5R)-5-(2-azanyl-6-oxo-1H-purin-9-yl)-3-hydroxy-oxolan-2-yl]methoxy-hydroxy-phosphoryl]boranuide' ? 
'C10 H16 B N5 O6 P -1' 344.049 
C   'RNA linking' y "CYTIDINE-5'-MONOPHOSPHATE"                                                                                ? 
'C9 H14 N3 O8 P'       323.197 
DA  'DNA linking' y "2'-DEOXYADENOSINE-5'-MONOPHOSPHATE"                                                                       ? 
'C10 H14 N5 O6 P'      331.222 
DC  'DNA linking' y "2'-DEOXYCYTIDINE-5'-MONOPHOSPHATE"                                                                        ? 
'C9 H14 N3 O7 P'       307.197 
DG  'DNA linking' y "2'-DEOXYGUANOSINE-5'-MONOPHOSPHATE"                                                                       ? 
'C10 H14 N5 O7 P'      347.221 
DT  'DNA linking' y "THYMIDINE-5'-MONOPHOSPHATE"                                                                               ? 
'C10 H15 N2 O8 P'      322.208 
G   'RNA linking' y "GUANOSINE-5'-MONOPHOSPHATE"                                                                               ? 
'C10 H14 N5 O8 P'      363.221 
U   'RNA linking' y "URIDINE-5'-MONOPHOSPHATE"                                                                                 ? 
'C9 H13 N2 O9 P'       324.181 
# 
loop_
_pdbx_poly_seq_scheme.asym_id 
_pdbx_poly_seq_scheme.entity_id 
_pdbx_poly_seq_scheme.seq_id 
_pdbx_poly_seq_scheme.mon_id 
_pdbx_poly_seq_scheme.ndb_seq_num 
_pdbx_poly_seq_scheme.pdb_seq_num 
_pdbx_poly_seq_scheme.auth_seq_num 
_pdbx_poly_seq_scheme.pdb_mon_id 
_pdbx_poly_seq_scheme.auth_mon_id 
_pdbx_poly_seq_scheme.pdb_strand_id 
_pdbx_poly_seq_scheme.pdb_ins_code 
_pdbx_poly_seq_scheme.hetero 
A 1 1 DA  1 1  1  DA  DA  A . n 
A 1 2 DT  2 2  2  DT  DT  A . n 
A 1 3 DG  3 3  3  DG  DG  A . n 
A 1 4 DG  4 4  4  DG  DG  A . n 
A 1 5 DT  5 5  5  DT  DT  A . n 
A 1 6 BGR 6 6  6  BGR BGS A . n 
A 1 7 DC  7 7  7  DC  DC  A . n 
A 1 8 DT  8 8  8  DT  DT  A . n 
A 1 9 DC  9 9  9  DC  DC  A . n 
B 2 1 G   1 10 10 G   G   B . n 
B 2 2 A   2 11 11 A   A   B . n 
B 2 3 G   3 12 12 G   G   B . n 
B 2 4 C   4 13 13 C   C   B . n 
B 2 5 A   5 14 14 A   A   B . n 
B 2 6 C   6 15 15 C   C   B . n 
B 2 7 C   7 16 16 C   C   B . n 
B 2 8 A   8 17 17 A   A   B . n 
B 2 9 U   9 18 18 U   U   B . n 
# 
_cell.entry_id           2LB4 
_cell.length_a           1.000 
_cell.length_b           1.000 
_cell.length_c           1.000 
_cell.angle_alpha        90.00 
_cell.angle_beta         90.00 
_cell.angle_gamma        90.00 
_cell.Z_PDB              1 
_cell.pdbx_unique_axis   ? 
# 
_symmetry.entry_id                         2LB4 
_symmetry.space_group_name_H-M             'P 1' 
_symmetry.pdbx_full_space_group_name_H-M   ? 
_symmetry.cell_setting                     ? 
_symmetry.Int_Tables_number                1 
# 
_exptl.absorpt_coefficient_mu     ? 
_exptl.absorpt_correction_T_max   ? 
_exptl.absorpt_correction_T_min   ? 
_exptl.absorpt_correction_type    ? 
_exptl.absorpt_process_details    ? 
_exptl.crystals_number            ? 
_exptl.details                    ? 
_exptl.entry_id                   2LB4 
_exptl.method                     'SOLUTION NMR' 
_exptl.method_details             ? 
# 
_struct.entry_id                  2LB4 
_struct.title                     'DNA / RNA Hybrid containing a central stereo specific Sp borano phosphate linkage' 
_struct.pdbx_model_details        'structure with lowest restraint violations, model 1' 
_struct.pdbx_CASP_flag            N 
_struct.pdbx_model_type_details   ? 
# 
_struct_keywords.entry_id        2LB4 
_struct_keywords.pdbx_keywords   DNA/RNA 
_struct_keywords.text            'nucleic acid heteroduplex, RNase H1 activity, DNA-RNA complex' 
# 
loop_
_struct_asym.id 
_struct_asym.pdbx_blank_PDB_chainid_flag 
_struct_asym.pdbx_modified 
_struct_asym.entity_id 
_struct_asym.details 
A N N 1 ? 
B N N 2 ? 
# 
loop_
_struct_ref.id 
_struct_ref.db_name 
_struct_ref.db_code 
_struct_ref.pdbx_db_accession 
_struct_ref.entity_id 
_struct_ref.pdbx_align_begin 
_struct_ref.pdbx_seq_one_letter_code 
_struct_ref.pdbx_db_isoform 
1 PDB 2LB4 2LB4 1 ? ? ? 
2 PDB 2LB4 2LB4 2 ? ? ? 
# 
loop_
_struct_ref_seq.align_id 
_struct_ref_seq.ref_id 
_struct_ref_seq.pdbx_PDB_id_code 
_struct_ref_seq.pdbx_strand_id 
_struct_ref_seq.seq_align_beg 
_struct_ref_seq.pdbx_seq_align_beg_ins_code 
_struct_ref_seq.seq_align_end 
_struct_ref_seq.pdbx_seq_align_end_ins_code 
_struct_ref_seq.pdbx_db_accession 
_struct_ref_seq.db_align_beg 
_struct_ref_seq.pdbx_db_align_beg_ins_code 
_struct_ref_seq.db_align_end 
_struct_ref_seq.pdbx_db_align_end_ins_code 
_struct_ref_seq.pdbx_auth_seq_align_beg 
_struct_ref_seq.pdbx_auth_seq_align_end 
1 1 2LB4 A 1 ? 9 ? 2LB4 1  ? 9  ? 1  9  
2 2 2LB4 B 1 ? 9 ? 2LB4 10 ? 18 ? 10 18 
# 
_pdbx_struct_assembly.id                   1 
_pdbx_struct_assembly.details              author_defined_assembly 
_pdbx_struct_assembly.method_details       ? 
_pdbx_struct_assembly.oligomeric_details   dimeric 
_pdbx_struct_assembly.oligomeric_count     2 
# 
_pdbx_struct_assembly_gen.assembly_id       1 
_pdbx_struct_assembly_gen.oper_expression   1 
_pdbx_struct_assembly_gen.asym_id_list      A,B 
# 
_pdbx_struct_oper_list.id                   1 
_pdbx_struct_oper_list.type                 'identity operation' 
_pdbx_struct_oper_list.name                 1_555 
_pdbx_struct_oper_list.symmetry_operation   x,y,z 
_pdbx_struct_oper_list.matrix[1][1]         1.0000000000 
_pdbx_struct_oper_list.matrix[1][2]         0.0000000000 
_pdbx_struct_oper_list.matrix[1][3]         0.0000000000 
_pdbx_struct_oper_list.vector[1]            0.0000000000 
_pdbx_struct_oper_list.matrix[2][1]         0.0000000000 
_pdbx_struct_oper_list.matrix[2][2]         1.0000000000 
_pdbx_struct_oper_list.matrix[2][3]         0.0000000000 
_pdbx_struct_oper_list.vector[2]            0.0000000000 
_pdbx_struct_oper_list.matrix[3][1]         0.0000000000 
_pdbx_struct_oper_list.matrix[3][2]         0.0000000000 
_pdbx_struct_oper_list.matrix[3][3]         1.0000000000 
_pdbx_struct_oper_list.vector[3]            0.0000000000 
# 
_struct_biol.id        1 
_struct_biol.details   ? 
# 
loop_
_struct_conn.id 
_struct_conn.conn_type_id 
_struct_conn.pdbx_leaving_atom_flag 
_struct_conn.pdbx_PDB_id 
_struct_conn.ptnr1_label_asym_id 
_struct_conn.ptnr1_label_comp_id 
_struct_conn.ptnr1_label_seq_id 
_struct_conn.ptnr1_label_atom_id 
_struct_conn.pdbx_ptnr1_label_alt_id 
_struct_conn.pdbx_ptnr1_PDB_ins_code 
_struct_conn.pdbx_ptnr1_standard_comp_id 
_struct_conn.ptnr1_symmetry 
_struct_conn.ptnr2_label_asym_id 
_struct_conn.ptnr2_label_comp_id 
_struct_conn.ptnr2_label_seq_id 
_struct_conn.ptnr2_label_atom_id 
_struct_conn.pdbx_ptnr2_label_alt_id 
_struct_conn.pdbx_ptnr2_PDB_ins_code 
_struct_conn.ptnr1_auth_asym_id 
_struct_conn.ptnr1_auth_comp_id 
_struct_conn.ptnr1_auth_seq_id 
_struct_conn.ptnr2_auth_asym_id 
_struct_conn.ptnr2_auth_comp_id 
_struct_conn.ptnr2_auth_seq_id 
_struct_conn.ptnr2_symmetry 
_struct_conn.pdbx_ptnr3_label_atom_id 
_struct_conn.pdbx_ptnr3_label_seq_id 
_struct_conn.pdbx_ptnr3_label_comp_id 
_struct_conn.pdbx_ptnr3_label_asym_id 
_struct_conn.pdbx_ptnr3_label_alt_id 
_struct_conn.pdbx_ptnr3_PDB_ins_code 
_struct_conn.details 
_struct_conn.pdbx_dist_value 
_struct_conn.pdbx_value_order 
_struct_conn.pdbx_role 
covale1  covale one ? A DT 5 "O3'" ? ? ? 1_555 A BGR 6 P  ? ? A DT 5 A BGR 6  1_555 ? ? ? ? ? ? ?            1.626 ? ? 
hydrog1  hydrog ?   ? A DA 1 N1    ? ? ? 1_555 B U   9 N3 ? ? A DA 1 B U   18 1_555 ? ? ? ? ? ? WATSON-CRICK ?     ? ? 
hydrog2  hydrog ?   ? A DA 1 N6    ? ? ? 1_555 B U   9 O4 ? ? A DA 1 B U   18 1_555 ? ? ? ? ? ? WATSON-CRICK ?     ? ? 
hydrog3  hydrog ?   ? A DT 2 N3    ? ? ? 1_555 B A   8 N1 ? ? A DT 2 B A   17 1_555 ? ? ? ? ? ? WATSON-CRICK ?     ? ? 
hydrog4  hydrog ?   ? A DT 2 O4    ? ? ? 1_555 B A   8 N6 ? ? A DT 2 B A   17 1_555 ? ? ? ? ? ? WATSON-CRICK ?     ? ? 
hydrog5  hydrog ?   ? A DG 3 N1    ? ? ? 1_555 B C   7 N3 ? ? A DG 3 B C   16 1_555 ? ? ? ? ? ? WATSON-CRICK ?     ? ? 
hydrog6  hydrog ?   ? A DG 3 N2    ? ? ? 1_555 B C   7 O2 ? ? A DG 3 B C   16 1_555 ? ? ? ? ? ? WATSON-CRICK ?     ? ? 
hydrog7  hydrog ?   ? A DG 3 O6    ? ? ? 1_555 B C   7 N4 ? ? A DG 3 B C   16 1_555 ? ? ? ? ? ? WATSON-CRICK ?     ? ? 
hydrog8  hydrog ?   ? A DG 4 N1    ? ? ? 1_555 B C   6 N3 ? ? A DG 4 B C   15 1_555 ? ? ? ? ? ? WATSON-CRICK ?     ? ? 
hydrog9  hydrog ?   ? A DG 4 N2    ? ? ? 1_555 B C   6 O2 ? ? A DG 4 B C   15 1_555 ? ? ? ? ? ? WATSON-CRICK ?     ? ? 
hydrog10 hydrog ?   ? A DG 4 O6    ? ? ? 1_555 B C   6 N4 ? ? A DG 4 B C   15 1_555 ? ? ? ? ? ? WATSON-CRICK ?     ? ? 
hydrog11 hydrog ?   ? A DT 5 N3    ? ? ? 1_555 B A   5 N1 ? ? A DT 5 B A   14 1_555 ? ? ? ? ? ? WATSON-CRICK ?     ? ? 
hydrog12 hydrog ?   ? A DT 5 O4    ? ? ? 1_555 B A   5 N6 ? ? A DT 5 B A   14 1_555 ? ? ? ? ? ? WATSON-CRICK ?     ? ? 
hydrog13 hydrog ?   ? A DC 7 N3    ? ? ? 1_555 B G   3 N1 ? ? A DC 7 B G   12 1_555 ? ? ? ? ? ? WATSON-CRICK ?     ? ? 
hydrog14 hydrog ?   ? A DC 7 N4    ? ? ? 1_555 B G   3 O6 ? ? A DC 7 B G   12 1_555 ? ? ? ? ? ? WATSON-CRICK ?     ? ? 
hydrog15 hydrog ?   ? A DC 7 O2    ? ? ? 1_555 B G   3 N2 ? ? A DC 7 B G   12 1_555 ? ? ? ? ? ? WATSON-CRICK ?     ? ? 
hydrog16 hydrog ?   ? A DT 8 N3    ? ? ? 1_555 B A   2 N1 ? ? A DT 8 B A   11 1_555 ? ? ? ? ? ? WATSON-CRICK ?     ? ? 
hydrog17 hydrog ?   ? A DT 8 O4    ? ? ? 1_555 B A   2 N6 ? ? A DT 8 B A   11 1_555 ? ? ? ? ? ? WATSON-CRICK ?     ? ? 
hydrog18 hydrog ?   ? A DC 9 N3    ? ? ? 1_555 B G   1 N1 ? ? A DC 9 B G   10 1_555 ? ? ? ? ? ? WATSON-CRICK ?     ? ? 
hydrog19 hydrog ?   ? A DC 9 N4    ? ? ? 1_555 B G   1 O6 ? ? A DC 9 B G   10 1_555 ? ? ? ? ? ? WATSON-CRICK ?     ? ? 
hydrog20 hydrog ?   ? A DC 9 O2    ? ? ? 1_555 B G   1 N2 ? ? A DC 9 B G   10 1_555 ? ? ? ? ? ? WATSON-CRICK ?     ? ? 
# 
loop_
_struct_conn_type.id 
_struct_conn_type.criteria 
_struct_conn_type.reference 
covale ? ? 
hydrog ? ? 
# 
loop_
_pdbx_validate_rmsd_angle.id 
_pdbx_validate_rmsd_angle.PDB_model_num 
_pdbx_validate_rmsd_angle.auth_atom_id_1 
_pdbx_validate_rmsd_angle.auth_asym_id_1 
_pdbx_validate_rmsd_angle.auth_comp_id_1 
_pdbx_validate_rmsd_angle.auth_seq_id_1 
_pdbx_validate_rmsd_angle.PDB_ins_code_1 
_pdbx_validate_rmsd_angle.label_alt_id_1 
_pdbx_validate_rmsd_angle.auth_atom_id_2 
_pdbx_validate_rmsd_angle.auth_asym_id_2 
_pdbx_validate_rmsd_angle.auth_comp_id_2 
_pdbx_validate_rmsd_angle.auth_seq_id_2 
_pdbx_validate_rmsd_angle.PDB_ins_code_2 
_pdbx_validate_rmsd_angle.label_alt_id_2 
_pdbx_validate_rmsd_angle.auth_atom_id_3 
_pdbx_validate_rmsd_angle.auth_asym_id_3 
_pdbx_validate_rmsd_angle.auth_comp_id_3 
_pdbx_validate_rmsd_angle.auth_seq_id_3 
_pdbx_validate_rmsd_angle.PDB_ins_code_3 
_pdbx_validate_rmsd_angle.label_alt_id_3 
_pdbx_validate_rmsd_angle.angle_value 
_pdbx_validate_rmsd_angle.angle_target_value 
_pdbx_validate_rmsd_angle.angle_deviation 
_pdbx_validate_rmsd_angle.angle_standard_deviation 
_pdbx_validate_rmsd_angle.linker_flag 
1  1 "O4'" A DA 1  ? ? "C4'" A DA 1  ? ? "C3'" A DA 1  ? ? 110.23 106.00 4.23  0.60 N 
2  1 "O4'" A DA 1  ? ? "C1'" A DA 1  ? ? N9    A DA 1  ? ? 112.04 108.30 3.74  0.30 N 
3  1 C4    A DA 1  ? ? C5    A DA 1  ? ? C6    A DA 1  ? ? 113.20 117.00 -3.80 0.50 N 
4  1 C5    A DA 1  ? ? C6    A DA 1  ? ? N1    A DA 1  ? ? 120.85 117.70 3.15  0.50 N 
5  1 N1    A DA 1  ? ? C6    A DA 1  ? ? N6    A DA 1  ? ? 112.07 118.60 -6.53 0.60 N 
6  1 "O4'" A DT 2  ? ? "C1'" A DT 2  ? ? N1    A DT 2  ? ? 110.42 108.30 2.12  0.30 N 
7  1 C6    A DT 2  ? ? C5    A DT 2  ? ? C7    A DT 2  ? ? 119.30 122.90 -3.60 0.60 N 
8  1 "C4'" A DT 5  ? ? "C3'" A DT 5  ? ? "C2'" A DT 5  ? ? 97.45  102.20 -4.75 0.70 N 
9  1 "O4'" A DT 5  ? ? "C1'" A DT 5  ? ? N1    A DT 5  ? ? 112.28 108.30 3.98  0.30 N 
10 1 C6    A DT 5  ? ? C5    A DT 5  ? ? C7    A DT 5  ? ? 119.29 122.90 -3.61 0.60 N 
11 1 "C3'" A DC 7  ? ? "C2'" A DC 7  ? ? "C1'" A DC 7  ? ? 110.01 102.50 7.51  1.20 N 
12 1 "O4'" A DC 7  ? ? "C1'" A DC 7  ? ? N1    A DC 7  ? ? 111.79 108.30 3.49  0.30 N 
13 1 "O4'" A DT 8  ? ? "C1'" A DT 8  ? ? N1    A DT 8  ? ? 110.46 108.30 2.16  0.30 N 
14 1 C6    A DT 8  ? ? C5    A DT 8  ? ? C7    A DT 8  ? ? 118.84 122.90 -4.06 0.60 N 
15 1 "O4'" A DC 9  ? ? "C1'" A DC 9  ? ? N1    A DC 9  ? ? 110.36 108.30 2.06  0.30 N 
16 1 N3    A DC 9  ? ? C2    A DC 9  ? ? O2    A DC 9  ? ? 117.61 121.90 -4.29 0.70 N 
17 1 "C3'" B G  10 ? ? "C2'" B G  10 ? ? "C1'" B G  10 ? ? 106.35 101.50 4.85  0.80 N 
18 1 C5    B A  11 ? ? C6    B A  11 ? ? N1    B A  11 ? ? 122.08 117.70 4.38  0.50 N 
19 1 C5    B A  14 ? ? C6    B A  14 ? ? N1    B A  14 ? ? 120.72 117.70 3.02  0.50 N 
20 1 N1    B A  14 ? ? C6    B A  14 ? ? N6    B A  14 ? ? 113.97 118.60 -4.63 0.60 N 
21 1 "C5'" B C  15 ? ? "C4'" B C  15 ? ? "O4'" B C  15 ? ? 116.29 109.80 6.49  0.90 N 
22 1 N3    B C  16 ? ? C2    B C  16 ? ? O2    B C  16 ? ? 117.40 121.90 -4.50 0.70 N 
23 1 C4    B A  17 ? ? C5    B A  17 ? ? C6    B A  17 ? ? 112.47 117.00 -4.53 0.50 N 
24 1 C6    B A  17 ? ? C5    B A  17 ? ? N7    B A  17 ? ? 136.79 132.30 4.49  0.70 N 
25 1 N1    B A  17 ? ? C6    B A  17 ? ? N6    B A  17 ? ? 111.61 118.60 -6.99 0.60 N 
26 1 "O4'" B U  18 ? ? "C1'" B U  18 ? ? N1    B U  18 ? ? 114.09 108.50 5.59  0.70 N 
# 
loop_
_pdbx_validate_planes.id 
_pdbx_validate_planes.PDB_model_num 
_pdbx_validate_planes.auth_comp_id 
_pdbx_validate_planes.auth_asym_id 
_pdbx_validate_planes.auth_seq_id 
_pdbx_validate_planes.PDB_ins_code 
_pdbx_validate_planes.label_alt_id 
_pdbx_validate_planes.rmsd 
_pdbx_validate_planes.type 
1 1 DG A 3  ? ? 0.073 'SIDE CHAIN' 
2 1 DG A 4  ? ? 0.065 'SIDE CHAIN' 
3 1 A  B 17 ? ? 0.067 'SIDE CHAIN' 
4 1 U  B 18 ? ? 0.084 'SIDE CHAIN' 
# 
_pdbx_nmr_ensemble.average_constraint_violations_per_residue     ? 
_pdbx_nmr_ensemble.average_constraints_per_residue               ? 
_pdbx_nmr_ensemble.average_distance_constraint_violation         ? 
_pdbx_nmr_ensemble.average_torsion_angle_constraint_violation    ? 
_pdbx_nmr_ensemble.conformer_selection_criteria                  'structure with lowest restraint violations' 
_pdbx_nmr_ensemble.conformers_calculated_total_number            10 
_pdbx_nmr_ensemble.conformers_submitted_total_number             1 
_pdbx_nmr_ensemble.distance_constraint_violation_method          ? 
_pdbx_nmr_ensemble.entry_id                                      2LB4 
_pdbx_nmr_ensemble.maximum_distance_constraint_violation         ? 
_pdbx_nmr_ensemble.maximum_lower_distance_constraint_violation   ? 
_pdbx_nmr_ensemble.maximum_torsion_angle_constraint_violation    ? 
_pdbx_nmr_ensemble.maximum_upper_distance_constraint_violation   ? 
_pdbx_nmr_ensemble.torsion_angle_constraint_violation_method     ? 
# 
_pdbx_nmr_representative.conformer_id         1 
_pdbx_nmr_representative.entry_id             2LB4 
_pdbx_nmr_representative.selection_criteria   'structure with lowest restraint violations' 
# 
loop_
_pdbx_nmr_sample_details.contents 
_pdbx_nmr_sample_details.solution_id 
_pdbx_nmr_sample_details.solvent_system 
;1.0 mM DNA (5'-D(*AP*TP*GP*GP*TP*BGR*CP*TP*C)-3'), 1.0 mM RNA (5'-R(*GP*AP*GP*CP*AP*CP*CP*AP*U)-3'), 50 mM sodium chloride, 10 mM sodium phosphate, 0.5 mM EDTA, 0.3 uM DSS, 10 % D2O, 90 % H2O, 90% H2O/10% D2O
;
1 '90% H2O/10% D2O' 
;1.0 mM DNA (5'-D(*AP*TP*GP*GP*TP*BGR*CP*TP*C)-3'), 1.0 mM RNA (5'-R(*GP*AP*GP*CP*AP*CP*CP*AP*U)-3'), 50 mM sodium chloride, 10 mM sodium phosphate, 0.5 mM EDTA, 0.3 uM DSS, 99.999 % D2O
;
2 '99.999 % D2O'    
# 
loop_
_pdbx_nmr_exptl_sample.component 
_pdbx_nmr_exptl_sample.concentration 
_pdbx_nmr_exptl_sample.concentration_range 
_pdbx_nmr_exptl_sample.concentration_units 
_pdbx_nmr_exptl_sample.isotopic_labeling 
_pdbx_nmr_exptl_sample.solution_id 
;DNA (5'-D(*AP*TP*GP*GP*TP*BGR*CP*TP*C)-3')-1
;
1.0    ? mM ? 1 
;RNA (5'-R(*GP*AP*GP*CP*AP*CP*CP*AP*U)-3')-2
;
1.0    ? mM ? 1 
'sodium chloride-3'                            50     ? mM ? 1 
'sodium phosphate-4'                           10     ? mM ? 1 
EDTA-5                                         0.5    ? mM ? 1 
DSS-6                                          0.3    ? uM ? 1 
D2O-7                                          10     ? %  ? 1 
H2O-8                                          90     ? %  ? 1 
;DNA (5'-D(*AP*TP*GP*GP*TP*BGR*CP*TP*C)-3')-9
;
1.0    ? mM ? 2 
;RNA (5'-R(*GP*AP*GP*CP*AP*CP*CP*AP*U)-3')-10
;
1.0    ? mM ? 2 
'sodium chloride-11'                           50     ? mM ? 2 
'sodium phosphate-12'                          10     ? mM ? 2 
EDTA-13                                        0.5    ? mM ? 2 
DSS-14                                         0.3    ? uM ? 2 
D2O-15                                         99.999 ? %  ? 2 
# 
_pdbx_nmr_exptl_sample_conditions.conditions_id       1 
_pdbx_nmr_exptl_sample_conditions.ionic_strength      50 
_pdbx_nmr_exptl_sample_conditions.pH                  7.0 
_pdbx_nmr_exptl_sample_conditions.pressure            ambient 
_pdbx_nmr_exptl_sample_conditions.pressure_units      ? 
_pdbx_nmr_exptl_sample_conditions.temperature         298 
_pdbx_nmr_exptl_sample_conditions.temperature_units   K 
# 
loop_
_pdbx_nmr_exptl.conditions_id 
_pdbx_nmr_exptl.experiment_id 
_pdbx_nmr_exptl.solution_id 
_pdbx_nmr_exptl.type 
1 1 1 '2D 1H-1H NOESY' 
1 2 2 '2D 1H-13C HSQC' 
1 3 2 '2D 1H-1H TOCSY' 
1 4 2 '2D 1H-1H NOESY' 
1 5 2 '2D DQF-COSY'    
1 6 2 '2D 1H-31P CORR' 
# 
_pdbx_nmr_refine.entry_id           2LB4 
_pdbx_nmr_refine.method             'molecular dynamics' 
_pdbx_nmr_refine.details            ? 
_pdbx_nmr_refine.software_ordinal   1 
# 
loop_
_pdbx_nmr_software.authors 
_pdbx_nmr_software.classification 
_pdbx_nmr_software.name 
_pdbx_nmr_software.version 
_pdbx_nmr_software.ordinal 
'Case, Darden, Cheatham, III, Simmerling, Wang, Duke, Luo, and Kollm' 'structure solution'        Amber     9.0  1  
'Case, Darden, Cheatham, III, Simmerling, Wang, Duke, Luo, and Kollm' 'geometry optimization'     Amber     9.0  2  
'Case, Darden, Cheatham, III, Simmerling, Wang, Duke, Luo, and Kollm' refinement                  Amber     9.0  3  
'Bruker Biospin'                                                      collection                  XwinNMR   3.5  4  
'Bruker Biospin'                                                      'data analysis'             TopSpin   2.1  5  
'Bruker Biospin'                                                      processing                  TopSpin   2.1  6  
'Thomas James'                                                        'data analysis'             CORMA     5.21 7  
'Thomas James'                                                        refinement                  MARDIGRAS 5.21 8  
Goddard                                                               'data analysis'             Sparky    3.98 9  
Goddard                                                               'chemical shift assignment' Sparky    3.98 10 
# 
loop_
_chem_comp_atom.comp_id 
_chem_comp_atom.atom_id 
_chem_comp_atom.type_symbol 
_chem_comp_atom.pdbx_aromatic_flag 
_chem_comp_atom.pdbx_stereo_config 
_chem_comp_atom.pdbx_ordinal 
A   OP3    O N N 1   
A   P      P N N 2   
A   OP1    O N N 3   
A   OP2    O N N 4   
A   "O5'"  O N N 5   
A   "C5'"  C N N 6   
A   "C4'"  C N R 7   
A   "O4'"  O N N 8   
A   "C3'"  C N S 9   
A   "O3'"  O N N 10  
A   "C2'"  C N R 11  
A   "O2'"  O N N 12  
A   "C1'"  C N R 13  
A   N9     N Y N 14  
A   C8     C Y N 15  
A   N7     N Y N 16  
A   C5     C Y N 17  
A   C6     C Y N 18  
A   N6     N N N 19  
A   N1     N Y N 20  
A   C2     C Y N 21  
A   N3     N Y N 22  
A   C4     C Y N 23  
A   HOP3   H N N 24  
A   HOP2   H N N 25  
A   "H5'"  H N N 26  
A   "H5''" H N N 27  
A   "H4'"  H N N 28  
A   "H3'"  H N N 29  
A   "HO3'" H N N 30  
A   "H2'"  H N N 31  
A   "HO2'" H N N 32  
A   "H1'"  H N N 33  
A   H8     H N N 34  
A   H61    H N N 35  
A   H62    H N N 36  
A   H2     H N N 37  
BGR P      P N N 38  
BGR N1     N N N 39  
BGR C2     C N N 40  
BGR N2     N N N 41  
BGR N3     N N N 42  
BGR C4     C Y N 43  
BGR C5     C Y N 44  
BGR C6     C N N 45  
BGR O6     O N N 46  
BGR N7     N Y N 47  
BGR C8     C Y N 48  
BGR N9     N Y N 49  
BGR BP     B N N 50  
BGR "C1'"  C N R 51  
BGR "C2'"  C N N 52  
BGR "C3'"  C N S 53  
BGR "O3'"  O N N 54  
BGR "C4'"  C N R 55  
BGR "O4'"  O N N 56  
BGR "C5'"  C N N 57  
BGR "O5'"  O N N 58  
BGR OP1    O N N 59  
BGR OP2    O N N 60  
BGR HN1    H N N 61  
BGR H8     H N N 62  
BGR H1BP   H N N 63  
BGR H2BP   H N N 64  
BGR H3BP   H N N 65  
BGR "H1'"  H N N 66  
BGR "H2'"  H N N 67  
BGR "H2'A" H N N 68  
BGR HN2    H N N 69  
BGR HN2A   H N N 70  
BGR "H3'"  H N N 71  
BGR "H4'"  H N N 72  
BGR "H5'"  H N N 73  
BGR "H5'A" H N N 74  
BGR H15    H N N 75  
BGR H16    H N N 76  
C   OP3    O N N 77  
C   P      P N N 78  
C   OP1    O N N 79  
C   OP2    O N N 80  
C   "O5'"  O N N 81  
C   "C5'"  C N N 82  
C   "C4'"  C N R 83  
C   "O4'"  O N N 84  
C   "C3'"  C N S 85  
C   "O3'"  O N N 86  
C   "C2'"  C N R 87  
C   "O2'"  O N N 88  
C   "C1'"  C N R 89  
C   N1     N N N 90  
C   C2     C N N 91  
C   O2     O N N 92  
C   N3     N N N 93  
C   C4     C N N 94  
C   N4     N N N 95  
C   C5     C N N 96  
C   C6     C N N 97  
C   HOP3   H N N 98  
C   HOP2   H N N 99  
C   "H5'"  H N N 100 
C   "H5''" H N N 101 
C   "H4'"  H N N 102 
C   "H3'"  H N N 103 
C   "HO3'" H N N 104 
C   "H2'"  H N N 105 
C   "HO2'" H N N 106 
C   "H1'"  H N N 107 
C   H41    H N N 108 
C   H42    H N N 109 
C   H5     H N N 110 
C   H6     H N N 111 
DA  OP3    O N N 112 
DA  P      P N N 113 
DA  OP1    O N N 114 
DA  OP2    O N N 115 
DA  "O5'"  O N N 116 
DA  "C5'"  C N N 117 
DA  "C4'"  C N R 118 
DA  "O4'"  O N N 119 
DA  "C3'"  C N S 120 
DA  "O3'"  O N N 121 
DA  "C2'"  C N N 122 
DA  "C1'"  C N R 123 
DA  N9     N Y N 124 
DA  C8     C Y N 125 
DA  N7     N Y N 126 
DA  C5     C Y N 127 
DA  C6     C Y N 128 
DA  N6     N N N 129 
DA  N1     N Y N 130 
DA  C2     C Y N 131 
DA  N3     N Y N 132 
DA  C4     C Y N 133 
DA  HOP3   H N N 134 
DA  HOP2   H N N 135 
DA  "H5'"  H N N 136 
DA  "H5''" H N N 137 
DA  "H4'"  H N N 138 
DA  "H3'"  H N N 139 
DA  "HO3'" H N N 140 
DA  "H2'"  H N N 141 
DA  "H2''" H N N 142 
DA  "H1'"  H N N 143 
DA  H8     H N N 144 
DA  H61    H N N 145 
DA  H62    H N N 146 
DA  H2     H N N 147 
DC  OP3    O N N 148 
DC  P      P N N 149 
DC  OP1    O N N 150 
DC  OP2    O N N 151 
DC  "O5'"  O N N 152 
DC  "C5'"  C N N 153 
DC  "C4'"  C N R 154 
DC  "O4'"  O N N 155 
DC  "C3'"  C N S 156 
DC  "O3'"  O N N 157 
DC  "C2'"  C N N 158 
DC  "C1'"  C N R 159 
DC  N1     N N N 160 
DC  C2     C N N 161 
DC  O2     O N N 162 
DC  N3     N N N 163 
DC  C4     C N N 164 
DC  N4     N N N 165 
DC  C5     C N N 166 
DC  C6     C N N 167 
DC  HOP3   H N N 168 
DC  HOP2   H N N 169 
DC  "H5'"  H N N 170 
DC  "H5''" H N N 171 
DC  "H4'"  H N N 172 
DC  "H3'"  H N N 173 
DC  "HO3'" H N N 174 
DC  "H2'"  H N N 175 
DC  "H2''" H N N 176 
DC  "H1'"  H N N 177 
DC  H41    H N N 178 
DC  H42    H N N 179 
DC  H5     H N N 180 
DC  H6     H N N 181 
DG  OP3    O N N 182 
DG  P      P N N 183 
DG  OP1    O N N 184 
DG  OP2    O N N 185 
DG  "O5'"  O N N 186 
DG  "C5'"  C N N 187 
DG  "C4'"  C N R 188 
DG  "O4'"  O N N 189 
DG  "C3'"  C N S 190 
DG  "O3'"  O N N 191 
DG  "C2'"  C N N 192 
DG  "C1'"  C N R 193 
DG  N9     N Y N 194 
DG  C8     C Y N 195 
DG  N7     N Y N 196 
DG  C5     C Y N 197 
DG  C6     C N N 198 
DG  O6     O N N 199 
DG  N1     N N N 200 
DG  C2     C N N 201 
DG  N2     N N N 202 
DG  N3     N N N 203 
DG  C4     C Y N 204 
DG  HOP3   H N N 205 
DG  HOP2   H N N 206 
DG  "H5'"  H N N 207 
DG  "H5''" H N N 208 
DG  "H4'"  H N N 209 
DG  "H3'"  H N N 210 
DG  "HO3'" H N N 211 
DG  "H2'"  H N N 212 
DG  "H2''" H N N 213 
DG  "H1'"  H N N 214 
DG  H8     H N N 215 
DG  H1     H N N 216 
DG  H21    H N N 217 
DG  H22    H N N 218 
DT  OP3    O N N 219 
DT  P      P N N 220 
DT  OP1    O N N 221 
DT  OP2    O N N 222 
DT  "O5'"  O N N 223 
DT  "C5'"  C N N 224 
DT  "C4'"  C N R 225 
DT  "O4'"  O N N 226 
DT  "C3'"  C N S 227 
DT  "O3'"  O N N 228 
DT  "C2'"  C N N 229 
DT  "C1'"  C N R 230 
DT  N1     N N N 231 
DT  C2     C N N 232 
DT  O2     O N N 233 
DT  N3     N N N 234 
DT  C4     C N N 235 
DT  O4     O N N 236 
DT  C5     C N N 237 
DT  C7     C N N 238 
DT  C6     C N N 239 
DT  HOP3   H N N 240 
DT  HOP2   H N N 241 
DT  "H5'"  H N N 242 
DT  "H5''" H N N 243 
DT  "H4'"  H N N 244 
DT  "H3'"  H N N 245 
DT  "HO3'" H N N 246 
DT  "H2'"  H N N 247 
DT  "H2''" H N N 248 
DT  "H1'"  H N N 249 
DT  H3     H N N 250 
DT  H71    H N N 251 
DT  H72    H N N 252 
DT  H73    H N N 253 
DT  H6     H N N 254 
G   OP3    O N N 255 
G   P      P N N 256 
G   OP1    O N N 257 
G   OP2    O N N 258 
G   "O5'"  O N N 259 
G   "C5'"  C N N 260 
G   "C4'"  C N R 261 
G   "O4'"  O N N 262 
G   "C3'"  C N S 263 
G   "O3'"  O N N 264 
G   "C2'"  C N R 265 
G   "O2'"  O N N 266 
G   "C1'"  C N R 267 
G   N9     N Y N 268 
G   C8     C Y N 269 
G   N7     N Y N 270 
G   C5     C Y N 271 
G   C6     C N N 272 
G   O6     O N N 273 
G   N1     N N N 274 
G   C2     C N N 275 
G   N2     N N N 276 
G   N3     N N N 277 
G   C4     C Y N 278 
G   HOP3   H N N 279 
G   HOP2   H N N 280 
G   "H5'"  H N N 281 
G   "H5''" H N N 282 
G   "H4'"  H N N 283 
G   "H3'"  H N N 284 
G   "HO3'" H N N 285 
G   "H2'"  H N N 286 
G   "HO2'" H N N 287 
G   "H1'"  H N N 288 
G   H8     H N N 289 
G   H1     H N N 290 
G   H21    H N N 291 
G   H22    H N N 292 
U   OP3    O N N 293 
U   P      P N N 294 
U   OP1    O N N 295 
U   OP2    O N N 296 
U   "O5'"  O N N 297 
U   "C5'"  C N N 298 
U   "C4'"  C N R 299 
U   "O4'"  O N N 300 
U   "C3'"  C N S 301 
U   "O3'"  O N N 302 
U   "C2'"  C N R 303 
U   "O2'"  O N N 304 
U   "C1'"  C N R 305 
U   N1     N N N 306 
U   C2     C N N 307 
U   O2     O N N 308 
U   N3     N N N 309 
U   C4     C N N 310 
U   O4     O N N 311 
U   C5     C N N 312 
U   C6     C N N 313 
U   HOP3   H N N 314 
U   HOP2   H N N 315 
U   "H5'"  H N N 316 
U   "H5''" H N N 317 
U   "H4'"  H N N 318 
U   "H3'"  H N N 319 
U   "HO3'" H N N 320 
U   "H2'"  H N N 321 
U   "HO2'" H N N 322 
U   "H1'"  H N N 323 
U   H3     H N N 324 
U   H5     H N N 325 
U   H6     H N N 326 
# 
loop_
_chem_comp_bond.comp_id 
_chem_comp_bond.atom_id_1 
_chem_comp_bond.atom_id_2 
_chem_comp_bond.value_order 
_chem_comp_bond.pdbx_aromatic_flag 
_chem_comp_bond.pdbx_stereo_config 
_chem_comp_bond.pdbx_ordinal 
A   OP3   P      sing N N 1   
A   OP3   HOP3   sing N N 2   
A   P     OP1    doub N N 3   
A   P     OP2    sing N N 4   
A   P     "O5'"  sing N N 5   
A   OP2   HOP2   sing N N 6   
A   "O5'" "C5'"  sing N N 7   
A   "C5'" "C4'"  sing N N 8   
A   "C5'" "H5'"  sing N N 9   
A   "C5'" "H5''" sing N N 10  
A   "C4'" "O4'"  sing N N 11  
A   "C4'" "C3'"  sing N N 12  
A   "C4'" "H4'"  sing N N 13  
A   "O4'" "C1'"  sing N N 14  
A   "C3'" "O3'"  sing N N 15  
A   "C3'" "C2'"  sing N N 16  
A   "C3'" "H3'"  sing N N 17  
A   "O3'" "HO3'" sing N N 18  
A   "C2'" "O2'"  sing N N 19  
A   "C2'" "C1'"  sing N N 20  
A   "C2'" "H2'"  sing N N 21  
A   "O2'" "HO2'" sing N N 22  
A   "C1'" N9     sing N N 23  
A   "C1'" "H1'"  sing N N 24  
A   N9    C8     sing Y N 25  
A   N9    C4     sing Y N 26  
A   C8    N7     doub Y N 27  
A   C8    H8     sing N N 28  
A   N7    C5     sing Y N 29  
A   C5    C6     sing Y N 30  
A   C5    C4     doub Y N 31  
A   C6    N6     sing N N 32  
A   C6    N1     doub Y N 33  
A   N6    H61    sing N N 34  
A   N6    H62    sing N N 35  
A   N1    C2     sing Y N 36  
A   C2    N3     doub Y N 37  
A   C2    H2     sing N N 38  
A   N3    C4     sing Y N 39  
BGR P     BP     sing N N 40  
BGR P     "O5'"  sing N N 41  
BGR P     OP1    doub N N 42  
BGR P     OP2    sing N N 43  
BGR N1    C2     sing N N 44  
BGR N1    C6     sing N N 45  
BGR N1    HN1    sing N N 46  
BGR C2    N2     sing N N 47  
BGR C2    N3     doub N N 48  
BGR N2    HN2    sing N N 49  
BGR N2    HN2A   sing N N 50  
BGR N3    C4     sing N N 51  
BGR C4    C5     doub Y N 52  
BGR C4    N9     sing Y N 53  
BGR C5    C6     sing N N 54  
BGR C5    N7     sing Y N 55  
BGR C6    O6     doub N N 56  
BGR N7    C8     doub Y N 57  
BGR C8    N9     sing Y N 58  
BGR C8    H8     sing N N 59  
BGR N9    "C1'"  sing N N 60  
BGR BP    H1BP   sing N N 61  
BGR BP    H2BP   sing N N 62  
BGR BP    H3BP   sing N N 63  
BGR "C1'" "C2'"  sing N N 64  
BGR "C1'" "O4'"  sing N N 65  
BGR "C1'" "H1'"  sing N N 66  
BGR "C2'" "C3'"  sing N N 67  
BGR "C2'" "H2'"  sing N N 68  
BGR "C2'" "H2'A" sing N N 69  
BGR "C3'" "O3'"  sing N N 70  
BGR "C3'" "C4'"  sing N N 71  
BGR "C3'" "H3'"  sing N N 72  
BGR "C4'" "O4'"  sing N N 73  
BGR "C4'" "C5'"  sing N N 74  
BGR "C4'" "H4'"  sing N N 75  
BGR "C5'" "O5'"  sing N N 76  
BGR "C5'" "H5'"  sing N N 77  
BGR "C5'" "H5'A" sing N N 78  
BGR "O3'" H15    sing N N 79  
BGR OP2   H16    sing N N 80  
C   OP3   P      sing N N 81  
C   OP3   HOP3   sing N N 82  
C   P     OP1    doub N N 83  
C   P     OP2    sing N N 84  
C   P     "O5'"  sing N N 85  
C   OP2   HOP2   sing N N 86  
C   "O5'" "C5'"  sing N N 87  
C   "C5'" "C4'"  sing N N 88  
C   "C5'" "H5'"  sing N N 89  
C   "C5'" "H5''" sing N N 90  
C   "C4'" "O4'"  sing N N 91  
C   "C4'" "C3'"  sing N N 92  
C   "C4'" "H4'"  sing N N 93  
C   "O4'" "C1'"  sing N N 94  
C   "C3'" "O3'"  sing N N 95  
C   "C3'" "C2'"  sing N N 96  
C   "C3'" "H3'"  sing N N 97  
C   "O3'" "HO3'" sing N N 98  
C   "C2'" "O2'"  sing N N 99  
C   "C2'" "C1'"  sing N N 100 
C   "C2'" "H2'"  sing N N 101 
C   "O2'" "HO2'" sing N N 102 
C   "C1'" N1     sing N N 103 
C   "C1'" "H1'"  sing N N 104 
C   N1    C2     sing N N 105 
C   N1    C6     sing N N 106 
C   C2    O2     doub N N 107 
C   C2    N3     sing N N 108 
C   N3    C4     doub N N 109 
C   C4    N4     sing N N 110 
C   C4    C5     sing N N 111 
C   N4    H41    sing N N 112 
C   N4    H42    sing N N 113 
C   C5    C6     doub N N 114 
C   C5    H5     sing N N 115 
C   C6    H6     sing N N 116 
DA  OP3   P      sing N N 117 
DA  OP3   HOP3   sing N N 118 
DA  P     OP1    doub N N 119 
DA  P     OP2    sing N N 120 
DA  P     "O5'"  sing N N 121 
DA  OP2   HOP2   sing N N 122 
DA  "O5'" "C5'"  sing N N 123 
DA  "C5'" "C4'"  sing N N 124 
DA  "C5'" "H5'"  sing N N 125 
DA  "C5'" "H5''" sing N N 126 
DA  "C4'" "O4'"  sing N N 127 
DA  "C4'" "C3'"  sing N N 128 
DA  "C4'" "H4'"  sing N N 129 
DA  "O4'" "C1'"  sing N N 130 
DA  "C3'" "O3'"  sing N N 131 
DA  "C3'" "C2'"  sing N N 132 
DA  "C3'" "H3'"  sing N N 133 
DA  "O3'" "HO3'" sing N N 134 
DA  "C2'" "C1'"  sing N N 135 
DA  "C2'" "H2'"  sing N N 136 
DA  "C2'" "H2''" sing N N 137 
DA  "C1'" N9     sing N N 138 
DA  "C1'" "H1'"  sing N N 139 
DA  N9    C8     sing Y N 140 
DA  N9    C4     sing Y N 141 
DA  C8    N7     doub Y N 142 
DA  C8    H8     sing N N 143 
DA  N7    C5     sing Y N 144 
DA  C5    C6     sing Y N 145 
DA  C5    C4     doub Y N 146 
DA  C6    N6     sing N N 147 
DA  C6    N1     doub Y N 148 
DA  N6    H61    sing N N 149 
DA  N6    H62    sing N N 150 
DA  N1    C2     sing Y N 151 
DA  C2    N3     doub Y N 152 
DA  C2    H2     sing N N 153 
DA  N3    C4     sing Y N 154 
DC  OP3   P      sing N N 155 
DC  OP3   HOP3   sing N N 156 
DC  P     OP1    doub N N 157 
DC  P     OP2    sing N N 158 
DC  P     "O5'"  sing N N 159 
DC  OP2   HOP2   sing N N 160 
DC  "O5'" "C5'"  sing N N 161 
DC  "C5'" "C4'"  sing N N 162 
DC  "C5'" "H5'"  sing N N 163 
DC  "C5'" "H5''" sing N N 164 
DC  "C4'" "O4'"  sing N N 165 
DC  "C4'" "C3'"  sing N N 166 
DC  "C4'" "H4'"  sing N N 167 
DC  "O4'" "C1'"  sing N N 168 
DC  "C3'" "O3'"  sing N N 169 
DC  "C3'" "C2'"  sing N N 170 
DC  "C3'" "H3'"  sing N N 171 
DC  "O3'" "HO3'" sing N N 172 
DC  "C2'" "C1'"  sing N N 173 
DC  "C2'" "H2'"  sing N N 174 
DC  "C2'" "H2''" sing N N 175 
DC  "C1'" N1     sing N N 176 
DC  "C1'" "H1'"  sing N N 177 
DC  N1    C2     sing N N 178 
DC  N1    C6     sing N N 179 
DC  C2    O2     doub N N 180 
DC  C2    N3     sing N N 181 
DC  N3    C4     doub N N 182 
DC  C4    N4     sing N N 183 
DC  C4    C5     sing N N 184 
DC  N4    H41    sing N N 185 
DC  N4    H42    sing N N 186 
DC  C5    C6     doub N N 187 
DC  C5    H5     sing N N 188 
DC  C6    H6     sing N N 189 
DG  OP3   P      sing N N 190 
DG  OP3   HOP3   sing N N 191 
DG  P     OP1    doub N N 192 
DG  P     OP2    sing N N 193 
DG  P     "O5'"  sing N N 194 
DG  OP2   HOP2   sing N N 195 
DG  "O5'" "C5'"  sing N N 196 
DG  "C5'" "C4'"  sing N N 197 
DG  "C5'" "H5'"  sing N N 198 
DG  "C5'" "H5''" sing N N 199 
DG  "C4'" "O4'"  sing N N 200 
DG  "C4'" "C3'"  sing N N 201 
DG  "C4'" "H4'"  sing N N 202 
DG  "O4'" "C1'"  sing N N 203 
DG  "C3'" "O3'"  sing N N 204 
DG  "C3'" "C2'"  sing N N 205 
DG  "C3'" "H3'"  sing N N 206 
DG  "O3'" "HO3'" sing N N 207 
DG  "C2'" "C1'"  sing N N 208 
DG  "C2'" "H2'"  sing N N 209 
DG  "C2'" "H2''" sing N N 210 
DG  "C1'" N9     sing N N 211 
DG  "C1'" "H1'"  sing N N 212 
DG  N9    C8     sing Y N 213 
DG  N9    C4     sing Y N 214 
DG  C8    N7     doub Y N 215 
DG  C8    H8     sing N N 216 
DG  N7    C5     sing Y N 217 
DG  C5    C6     sing N N 218 
DG  C5    C4     doub Y N 219 
DG  C6    O6     doub N N 220 
DG  C6    N1     sing N N 221 
DG  N1    C2     sing N N 222 
DG  N1    H1     sing N N 223 
DG  C2    N2     sing N N 224 
DG  C2    N3     doub N N 225 
DG  N2    H21    sing N N 226 
DG  N2    H22    sing N N 227 
DG  N3    C4     sing N N 228 
DT  OP3   P      sing N N 229 
DT  OP3   HOP3   sing N N 230 
DT  P     OP1    doub N N 231 
DT  P     OP2    sing N N 232 
DT  P     "O5'"  sing N N 233 
DT  OP2   HOP2   sing N N 234 
DT  "O5'" "C5'"  sing N N 235 
DT  "C5'" "C4'"  sing N N 236 
DT  "C5'" "H5'"  sing N N 237 
DT  "C5'" "H5''" sing N N 238 
DT  "C4'" "O4'"  sing N N 239 
DT  "C4'" "C3'"  sing N N 240 
DT  "C4'" "H4'"  sing N N 241 
DT  "O4'" "C1'"  sing N N 242 
DT  "C3'" "O3'"  sing N N 243 
DT  "C3'" "C2'"  sing N N 244 
DT  "C3'" "H3'"  sing N N 245 
DT  "O3'" "HO3'" sing N N 246 
DT  "C2'" "C1'"  sing N N 247 
DT  "C2'" "H2'"  sing N N 248 
DT  "C2'" "H2''" sing N N 249 
DT  "C1'" N1     sing N N 250 
DT  "C1'" "H1'"  sing N N 251 
DT  N1    C2     sing N N 252 
DT  N1    C6     sing N N 253 
DT  C2    O2     doub N N 254 
DT  C2    N3     sing N N 255 
DT  N3    C4     sing N N 256 
DT  N3    H3     sing N N 257 
DT  C4    O4     doub N N 258 
DT  C4    C5     sing N N 259 
DT  C5    C7     sing N N 260 
DT  C5    C6     doub N N 261 
DT  C7    H71    sing N N 262 
DT  C7    H72    sing N N 263 
DT  C7    H73    sing N N 264 
DT  C6    H6     sing N N 265 
G   OP3   P      sing N N 266 
G   OP3   HOP3   sing N N 267 
G   P     OP1    doub N N 268 
G   P     OP2    sing N N 269 
G   P     "O5'"  sing N N 270 
G   OP2   HOP2   sing N N 271 
G   "O5'" "C5'"  sing N N 272 
G   "C5'" "C4'"  sing N N 273 
G   "C5'" "H5'"  sing N N 274 
G   "C5'" "H5''" sing N N 275 
G   "C4'" "O4'"  sing N N 276 
G   "C4'" "C3'"  sing N N 277 
G   "C4'" "H4'"  sing N N 278 
G   "O4'" "C1'"  sing N N 279 
G   "C3'" "O3'"  sing N N 280 
G   "C3'" "C2'"  sing N N 281 
G   "C3'" "H3'"  sing N N 282 
G   "O3'" "HO3'" sing N N 283 
G   "C2'" "O2'"  sing N N 284 
G   "C2'" "C1'"  sing N N 285 
G   "C2'" "H2'"  sing N N 286 
G   "O2'" "HO2'" sing N N 287 
G   "C1'" N9     sing N N 288 
G   "C1'" "H1'"  sing N N 289 
G   N9    C8     sing Y N 290 
G   N9    C4     sing Y N 291 
G   C8    N7     doub Y N 292 
G   C8    H8     sing N N 293 
G   N7    C5     sing Y N 294 
G   C5    C6     sing N N 295 
G   C5    C4     doub Y N 296 
G   C6    O6     doub N N 297 
G   C6    N1     sing N N 298 
G   N1    C2     sing N N 299 
G   N1    H1     sing N N 300 
G   C2    N2     sing N N 301 
G   C2    N3     doub N N 302 
G   N2    H21    sing N N 303 
G   N2    H22    sing N N 304 
G   N3    C4     sing N N 305 
U   OP3   P      sing N N 306 
U   OP3   HOP3   sing N N 307 
U   P     OP1    doub N N 308 
U   P     OP2    sing N N 309 
U   P     "O5'"  sing N N 310 
U   OP2   HOP2   sing N N 311 
U   "O5'" "C5'"  sing N N 312 
U   "C5'" "C4'"  sing N N 313 
U   "C5'" "H5'"  sing N N 314 
U   "C5'" "H5''" sing N N 315 
U   "C4'" "O4'"  sing N N 316 
U   "C4'" "C3'"  sing N N 317 
U   "C4'" "H4'"  sing N N 318 
U   "O4'" "C1'"  sing N N 319 
U   "C3'" "O3'"  sing N N 320 
U   "C3'" "C2'"  sing N N 321 
U   "C3'" "H3'"  sing N N 322 
U   "O3'" "HO3'" sing N N 323 
U   "C2'" "O2'"  sing N N 324 
U   "C2'" "C1'"  sing N N 325 
U   "C2'" "H2'"  sing N N 326 
U   "O2'" "HO2'" sing N N 327 
U   "C1'" N1     sing N N 328 
U   "C1'" "H1'"  sing N N 329 
U   N1    C2     sing N N 330 
U   N1    C6     sing N N 331 
U   C2    O2     doub N N 332 
U   C2    N3     sing N N 333 
U   N3    C4     sing N N 334 
U   N3    H3     sing N N 335 
U   C4    O4     doub N N 336 
U   C4    C5     sing N N 337 
U   C5    C6     doub N N 338 
U   C5    H5     sing N N 339 
U   C6    H6     sing N N 340 
# 
loop_
_ndb_struct_conf_na.entry_id 
_ndb_struct_conf_na.feature 
2LB4 'double helix'         
2LB4 'a-form double helix'  
2LB4 'mismatched base pair' 
# 
loop_
_ndb_struct_na_base_pair.model_number 
_ndb_struct_na_base_pair.i_label_asym_id 
_ndb_struct_na_base_pair.i_label_comp_id 
_ndb_struct_na_base_pair.i_label_seq_id 
_ndb_struct_na_base_pair.i_symmetry 
_ndb_struct_na_base_pair.j_label_asym_id 
_ndb_struct_na_base_pair.j_label_comp_id 
_ndb_struct_na_base_pair.j_label_seq_id 
_ndb_struct_na_base_pair.j_symmetry 
_ndb_struct_na_base_pair.shear 
_ndb_struct_na_base_pair.stretch 
_ndb_struct_na_base_pair.stagger 
_ndb_struct_na_base_pair.buckle 
_ndb_struct_na_base_pair.propeller 
_ndb_struct_na_base_pair.opening 
_ndb_struct_na_base_pair.pair_number 
_ndb_struct_na_base_pair.pair_name 
_ndb_struct_na_base_pair.i_auth_asym_id 
_ndb_struct_na_base_pair.i_auth_seq_id 
_ndb_struct_na_base_pair.i_PDB_ins_code 
_ndb_struct_na_base_pair.j_auth_asym_id 
_ndb_struct_na_base_pair.j_auth_seq_id 
_ndb_struct_na_base_pair.j_PDB_ins_code 
_ndb_struct_na_base_pair.hbond_type_28 
_ndb_struct_na_base_pair.hbond_type_12 
1 A DA 1 1_555 B U 9 1_555 0.214  0.044  -0.104 -11.804 11.249  6.023   1 A_DA1:U18_B A 1 ? B 18 ? 20 1 
1 A DT 2 1_555 B A 8 1_555 -0.455 -0.056 -0.285 11.819  1.177   11.450  2 A_DT2:A17_B A 2 ? B 17 ? 20 1 
1 A DG 3 1_555 B C 7 1_555 -0.198 -0.122 -0.249 -0.888  -14.124 -0.756  3 A_DG3:C16_B A 3 ? B 16 ? 19 1 
1 A DG 4 1_555 B C 6 1_555 -0.013 -0.024 -0.275 -14.662 -10.632 1.634   4 A_DG4:C15_B A 4 ? B 15 ? 19 1 
1 A DT 5 1_555 B A 5 1_555 -0.055 0.036  0.264  -9.947  -11.405 5.712   5 A_DT5:A14_B A 5 ? B 14 ? 20 1 
1 A DC 7 1_555 B G 3 1_555 0.089  -0.082 -0.103 13.500  -11.724 -4.726  6 A_DC7:G12_B A 7 ? B 12 ? 19 1 
1 A DT 8 1_555 B A 2 1_555 -0.284 0.068  -0.179 13.314  -15.941 -10.109 7 A_DT8:A11_B A 8 ? B 11 ? 20 1 
1 A DC 9 1_555 B G 1 1_555 -0.064 -0.021 0.162  2.555   -27.457 1.081   8 A_DC9:G10_B A 9 ? B 10 ? 19 1 
# 
loop_
_ndb_struct_na_base_pair_step.model_number 
_ndb_struct_na_base_pair_step.i_label_asym_id_1 
_ndb_struct_na_base_pair_step.i_label_comp_id_1 
_ndb_struct_na_base_pair_step.i_label_seq_id_1 
_ndb_struct_na_base_pair_step.i_symmetry_1 
_ndb_struct_na_base_pair_step.j_label_asym_id_1 
_ndb_struct_na_base_pair_step.j_label_comp_id_1 
_ndb_struct_na_base_pair_step.j_label_seq_id_1 
_ndb_struct_na_base_pair_step.j_symmetry_1 
_ndb_struct_na_base_pair_step.i_label_asym_id_2 
_ndb_struct_na_base_pair_step.i_label_comp_id_2 
_ndb_struct_na_base_pair_step.i_label_seq_id_2 
_ndb_struct_na_base_pair_step.i_symmetry_2 
_ndb_struct_na_base_pair_step.j_label_asym_id_2 
_ndb_struct_na_base_pair_step.j_label_comp_id_2 
_ndb_struct_na_base_pair_step.j_label_seq_id_2 
_ndb_struct_na_base_pair_step.j_symmetry_2 
_ndb_struct_na_base_pair_step.shift 
_ndb_struct_na_base_pair_step.slide 
_ndb_struct_na_base_pair_step.rise 
_ndb_struct_na_base_pair_step.tilt 
_ndb_struct_na_base_pair_step.roll 
_ndb_struct_na_base_pair_step.twist 
_ndb_struct_na_base_pair_step.x_displacement 
_ndb_struct_na_base_pair_step.y_displacement 
_ndb_struct_na_base_pair_step.helical_rise 
_ndb_struct_na_base_pair_step.inclination 
_ndb_struct_na_base_pair_step.tip 
_ndb_struct_na_base_pair_step.helical_twist 
_ndb_struct_na_base_pair_step.step_number 
_ndb_struct_na_base_pair_step.step_name 
_ndb_struct_na_base_pair_step.i_auth_asym_id_1 
_ndb_struct_na_base_pair_step.i_auth_seq_id_1 
_ndb_struct_na_base_pair_step.i_PDB_ins_code_1 
_ndb_struct_na_base_pair_step.j_auth_asym_id_1 
_ndb_struct_na_base_pair_step.j_auth_seq_id_1 
_ndb_struct_na_base_pair_step.j_PDB_ins_code_1 
_ndb_struct_na_base_pair_step.i_auth_asym_id_2 
_ndb_struct_na_base_pair_step.i_auth_seq_id_2 
_ndb_struct_na_base_pair_step.i_PDB_ins_code_2 
_ndb_struct_na_base_pair_step.j_auth_asym_id_2 
_ndb_struct_na_base_pair_step.j_auth_seq_id_2 
_ndb_struct_na_base_pair_step.j_PDB_ins_code_2 
1 A DA 1 1_555 B U 9 1_555 A DT 2 1_555 B A 8 1_555 0.070  -2.064 2.957 1.984  5.882  22.040 -6.925 0.404  2.331 15.007 -5.061 
22.887 1 AA_DA1DT2:A17U18_BB A 1 ? B 18 ? A 2 ? B 17 ? 
1 A DT 2 1_555 B A 8 1_555 A DG 3 1_555 B C 7 1_555 -2.089 -0.683 3.553 -4.772 4.597  38.328 -1.648 2.493  3.674 6.938  7.202  
38.875 2 AA_DT2DG3:C16A17_BB A 2 ? B 17 ? A 3 ? B 16 ? 
1 A DG 3 1_555 B C 7 1_555 A DG 4 1_555 B C 6 1_555 -0.353 -1.466 3.554 -0.880 9.318  35.326 -3.671 0.438  3.089 15.031 1.419  
36.506 3 AA_DG3DG4:C15C16_BB A 3 ? B 16 ? A 4 ? B 15 ? 
1 A DG 4 1_555 B C 6 1_555 A DT 5 1_555 B A 5 1_555 0.698  -0.996 3.105 -3.356 7.097  27.593 -3.454 -2.091 2.669 14.511 6.863  
28.667 4 AA_DG4DT5:A14C15_BB A 4 ? B 15 ? A 5 ? B 14 ? 
1 A DT 5 1_555 B A 5 1_555 A DC 7 1_555 B G 3 1_555 -0.217 -2.658 5.903 4.470  12.388 60.153 -3.612 0.577  5.291 12.201 -4.402 
61.446 5 AA_DT5DC7:G12A14_BB A 5 ? B 14 ? A 7 ? B 12 ? 
1 A DC 7 1_555 B G 3 1_555 A DT 8 1_555 B A 2 1_555 -0.433 -1.442 3.367 1.382  4.802  30.681 -3.606 1.071  3.089 9.000  -2.590 
31.076 6 AA_DC7DT8:A11G12_BB A 7 ? B 12 ? A 8 ? B 11 ? 
1 A DT 8 1_555 B A 2 1_555 A DC 9 1_555 B G 1 1_555 0.910  -0.761 3.402 1.906  6.000  39.064 -1.850 -1.115 3.294 8.903  -2.828 
39.548 7 AA_DT8DC9:G10A11_BB A 8 ? B 11 ? A 9 ? B 10 ? 
# 
loop_
_pdbx_nmr_spectrometer.field_strength 
_pdbx_nmr_spectrometer.manufacturer 
_pdbx_nmr_spectrometer.model 
_pdbx_nmr_spectrometer.spectrometer_id 
_pdbx_nmr_spectrometer.type 
600 Bruker AVANCE 1 'Bruker Avance' 
500 Bruker AVANCE 2 'Bruker Avance' 
# 
_atom_sites.entry_id                    2LB4 
_atom_sites.fract_transf_matrix[1][1]   1.000000 
_atom_sites.fract_transf_matrix[1][2]   0.000000 
_atom_sites.fract_transf_matrix[1][3]   0.000000 
_atom_sites.fract_transf_matrix[2][1]   0.000000 
_atom_sites.fract_transf_matrix[2][2]   1.000000 
_atom_sites.fract_transf_matrix[2][3]   0.000000 
_atom_sites.fract_transf_matrix[3][1]   0.000000 
_atom_sites.fract_transf_matrix[3][2]   0.000000 
_atom_sites.fract_transf_matrix[3][3]   1.000000 
_atom_sites.fract_transf_vector[1]      0.00000 
_atom_sites.fract_transf_vector[2]      0.00000 
_atom_sites.fract_transf_vector[3]      0.00000 
# 
loop_
_atom_type.symbol 
B 
C 
H 
N 
O 
P 
# 
loop_
_atom_site.group_PDB 
_atom_site.id 
_atom_site.type_symbol 
_atom_site.label_atom_id 
_atom_site.label_alt_id 
_atom_site.label_comp_id 
_atom_site.label_asym_id 
_atom_site.label_entity_id 
_atom_site.label_seq_id 
_atom_site.pdbx_PDB_ins_code 
_atom_site.Cartn_x 
_atom_site.Cartn_y 
_atom_site.Cartn_z 
_atom_site.occupancy 
_atom_site.B_iso_or_equiv 
_atom_site.pdbx_formal_charge 
_atom_site.auth_seq_id 
_atom_site.auth_comp_id 
_atom_site.auth_asym_id 
_atom_site.auth_atom_id 
_atom_site.pdbx_PDB_model_num 
ATOM   1   O "O5'"  . DA  A 1 1 ? 6.185   7.902   9.507   1.00 0.00 ? 1  DA  A "O5'"  1 
ATOM   2   C "C5'"  . DA  A 1 1 ? 7.211   7.451   10.388  1.00 0.00 ? 1  DA  A "C5'"  1 
ATOM   3   C "C4'"  . DA  A 1 1 ? 6.809   6.194   11.181  1.00 0.00 ? 1  DA  A "C4'"  1 
ATOM   4   O "O4'"  . DA  A 1 1 ? 5.652   6.463   11.976  1.00 0.00 ? 1  DA  A "O4'"  1 
ATOM   5   C "C3'"  . DA  A 1 1 ? 6.557   4.979   10.270  1.00 0.00 ? 1  DA  A "C3'"  1 
ATOM   6   O "O3'"  . DA  A 1 1 ? 7.447   3.924   10.635  1.00 0.00 ? 1  DA  A "O3'"  1 
ATOM   7   C "C2'"  . DA  A 1 1 ? 5.105   4.626   10.543  1.00 0.00 ? 1  DA  A "C2'"  1 
ATOM   8   C "C1'"  . DA  A 1 1 ? 4.689   5.438   11.772  1.00 0.00 ? 1  DA  A "C1'"  1 
ATOM   9   N N9     . DA  A 1 1 ? 3.347   5.982   11.526  1.00 0.00 ? 1  DA  A N9     1 
ATOM   10  C C8     . DA  A 1 1 ? 3.118   7.178   10.957  1.00 0.00 ? 1  DA  A C8     1 
ATOM   11  N N7     . DA  A 1 1 ? 1.877   7.422   10.619  1.00 0.00 ? 1  DA  A N7     1 
ATOM   12  C C5     . DA  A 1 1 ? 1.235   6.224   10.999  1.00 0.00 ? 1  DA  A C5     1 
ATOM   13  C C6     . DA  A 1 1 ? -0.085  5.703   10.926  1.00 0.00 ? 1  DA  A C6     1 
ATOM   14  N N6     . DA  A 1 1 ? -1.160  6.319   10.469  1.00 0.00 ? 1  DA  A N6     1 
ATOM   15  N N1     . DA  A 1 1 ? -0.358  4.475   11.356  1.00 0.00 ? 1  DA  A N1     1 
ATOM   16  C C2     . DA  A 1 1 ? 0.634   3.733   11.821  1.00 0.00 ? 1  DA  A C2     1 
ATOM   17  N N3     . DA  A 1 1 ? 1.908   4.070   11.962  1.00 0.00 ? 1  DA  A N3     1 
ATOM   18  C C4     . DA  A 1 1 ? 2.140   5.334   11.525  1.00 0.00 ? 1  DA  A C4     1 
ATOM   19  H "H5'"  . DA  A 1 1 ? 7.466   8.244   11.093  1.00 0.00 ? 1  DA  A "H5'"  1 
ATOM   20  H "H5''" . DA  A 1 1 ? 8.108   7.213   9.812   1.00 0.00 ? 1  DA  A "H5''" 1 
ATOM   21  H "H4'"  . DA  A 1 1 ? 7.637   5.941   11.849  1.00 0.00 ? 1  DA  A "H4'"  1 
ATOM   22  H "H3'"  . DA  A 1 1 ? 6.641   5.232   9.208   1.00 0.00 ? 1  DA  A "H3'"  1 
ATOM   23  H "H2'"  . DA  A 1 1 ? 4.488   4.970   9.712   1.00 0.00 ? 1  DA  A "H2'"  1 
ATOM   24  H "H2''" . DA  A 1 1 ? 5.017   3.540   10.714  1.00 0.00 ? 1  DA  A "H2''" 1 
ATOM   25  H "H1'"  . DA  A 1 1 ? 4.651   4.754   12.577  1.00 0.00 ? 1  DA  A "H1'"  1 
ATOM   26  H H8     . DA  A 1 1 ? 3.989   7.783   10.817  1.00 0.00 ? 1  DA  A H8     1 
ATOM   27  H H61    . DA  A 1 1 ? -2.017  5.787   10.416  1.00 0.00 ? 1  DA  A H61    1 
ATOM   28  H H62    . DA  A 1 1 ? -1.071  7.246   10.096  1.00 0.00 ? 1  DA  A H62    1 
ATOM   29  H H2     . DA  A 1 1 ? 0.336   2.825   12.309  1.00 0.00 ? 1  DA  A H2     1 
ATOM   30  H "HO5'" . DA  A 1 1 ? 6.590   8.281   8.717   1.00 0.00 ? 1  DA  A "HO5'" 1 
ATOM   31  P P      . DT  A 1 2 ? 7.883   2.767   9.612   1.00 0.00 ? 2  DT  A P      1 
ATOM   32  O OP1    . DT  A 1 2 ? 8.956   1.992   10.292  1.00 0.00 ? 2  DT  A OP1    1 
ATOM   33  O OP2    . DT  A 1 2 ? 8.192   3.389   8.319   1.00 0.00 ? 2  DT  A OP2    1 
ATOM   34  O "O5'"  . DT  A 1 2 ? 6.626   1.783   9.450   1.00 0.00 ? 2  DT  A "O5'"  1 
ATOM   35  C "C5'"  . DT  A 1 2 ? 6.282   0.858   10.476  1.00 0.00 ? 2  DT  A "C5'"  1 
ATOM   36  C "C4'"  . DT  A 1 2 ? 4.996   0.069   10.196  1.00 0.00 ? 2  DT  A "C4'"  1 
ATOM   37  O "O4'"  . DT  A 1 2 ? 3.880   0.925   10.341  1.00 0.00 ? 2  DT  A "O4'"  1 
ATOM   38  C "C3'"  . DT  A 1 2 ? 4.908   -0.649  8.832   1.00 0.00 ? 2  DT  A "C3'"  1 
ATOM   39  O "O3'"  . DT  A 1 2 ? 4.654   -2.049  8.933   1.00 0.00 ? 2  DT  A "O3'"  1 
ATOM   40  C "C2'"  . DT  A 1 2 ? 3.683   0.024   8.234   1.00 0.00 ? 2  DT  A "C2'"  1 
ATOM   41  C "C1'"  . DT  A 1 2 ? 2.883   0.441   9.474   1.00 0.00 ? 2  DT  A "C1'"  1 
ATOM   42  N N1     . DT  A 1 2 ? 1.925   1.508   9.147   1.00 0.00 ? 2  DT  A N1     1 
ATOM   43  C C2     . DT  A 1 2 ? 0.564   1.257   9.240   1.00 0.00 ? 2  DT  A C2     1 
ATOM   44  O O2     . DT  A 1 2 ? 0.096   0.208   9.673   1.00 0.00 ? 2  DT  A O2     1 
ATOM   45  N N3     . DT  A 1 2 ? -0.253  2.268   8.803   1.00 0.00 ? 2  DT  A N3     1 
ATOM   46  C C4     . DT  A 1 2 ? 0.122   3.483   8.293   1.00 0.00 ? 2  DT  A C4     1 
ATOM   47  O O4     . DT  A 1 2 ? -0.753  4.265   7.921   1.00 0.00 ? 2  DT  A O4     1 
ATOM   48  C C5     . DT  A 1 2 ? 1.570   3.684   8.260   1.00 0.00 ? 2  DT  A C5     1 
ATOM   49  C C7     . DT  A 1 2 ? 2.157   4.988   7.772   1.00 0.00 ? 2  DT  A C7     1 
ATOM   50  C C6     . DT  A 1 2 ? 2.401   2.695   8.675   1.00 0.00 ? 2  DT  A C6     1 
ATOM   51  H "H5'"  . DT  A 1 2 ? 6.153   1.398   11.416  1.00 0.00 ? 2  DT  A "H5'"  1 
ATOM   52  H "H5''" . DT  A 1 2 ? 7.090   0.142   10.602  1.00 0.00 ? 2  DT  A "H5''" 1 
ATOM   53  H "H4'"  . DT  A 1 2 ? 4.907   -0.678  10.966  1.00 0.00 ? 2  DT  A "H4'"  1 
ATOM   54  H "H3'"  . DT  A 1 2 ? 5.801   -0.458  8.230   1.00 0.00 ? 2  DT  A "H3'"  1 
ATOM   55  H "H2'"  . DT  A 1 2 ? 4.016   0.881   7.647   1.00 0.00 ? 2  DT  A "H2'"  1 
ATOM   56  H "H2''" . DT  A 1 2 ? 3.104   -0.637  7.606   1.00 0.00 ? 2  DT  A "H2''" 1 
ATOM   57  H "H1'"  . DT  A 1 2 ? 2.353   -0.392  9.946   1.00 0.00 ? 2  DT  A "H1'"  1 
ATOM   58  H H3     . DT  A 1 2 ? -1.240  2.088   8.806   1.00 0.00 ? 2  DT  A H3     1 
ATOM   59  H H71    . DT  A 1 2 ? 3.245   4.980   7.844   1.00 0.00 ? 2  DT  A H71    1 
ATOM   60  H H72    . DT  A 1 2 ? 1.844   5.159   6.742   1.00 0.00 ? 2  DT  A H72    1 
ATOM   61  H H73    . DT  A 1 2 ? 1.753   5.783   8.394   1.00 0.00 ? 2  DT  A H73    1 
ATOM   62  H H6     . DT  A 1 2 ? 3.467   2.755   8.627   1.00 0.00 ? 2  DT  A H6     1 
ATOM   63  P P      . DG  A 1 3 ? 4.948   -3.050  7.696   1.00 0.00 ? 3  DG  A P      1 
ATOM   64  O OP1    . DG  A 1 3 ? 6.352   -3.478  7.763   1.00 0.00 ? 3  DG  A OP1    1 
ATOM   65  O OP2    . DG  A 1 3 ? 4.411   -2.412  6.466   1.00 0.00 ? 3  DG  A OP2    1 
ATOM   66  O "O5'"  . DG  A 1 3 ? 3.970   -4.304  7.937   1.00 0.00 ? 3  DG  A "O5'"  1 
ATOM   67  C "C5'"  . DG  A 1 3 ? 3.951   -5.082  9.126   1.00 0.00 ? 3  DG  A "C5'"  1 
ATOM   68  C "C4'"  . DG  A 1 3 ? 2.596   -5.811  9.286   1.00 0.00 ? 3  DG  A "C4'"  1 
ATOM   69  O "O4'"  . DG  A 1 3 ? 1.576   -4.857  9.570   1.00 0.00 ? 3  DG  A "O4'"  1 
ATOM   70  C "C3'"  . DG  A 1 3 ? 2.173   -6.617  8.041   1.00 0.00 ? 3  DG  A "C3'"  1 
ATOM   71  O "O3'"  . DG  A 1 3 ? 1.557   -7.851  8.400   1.00 0.00 ? 3  DG  A "O3'"  1 
ATOM   72  C "C2'"  . DG  A 1 3 ? 1.156   -5.681  7.403   1.00 0.00 ? 3  DG  A "C2'"  1 
ATOM   73  C "C1'"  . DG  A 1 3 ? 0.545   -4.936  8.599   1.00 0.00 ? 3  DG  A "C1'"  1 
ATOM   74  N N9     . DG  A 1 3 ? 0.247   -3.573  8.117   1.00 0.00 ? 3  DG  A N9     1 
ATOM   75  C C8     . DG  A 1 3 ? 1.216   -2.695  7.752   1.00 0.00 ? 3  DG  A C8     1 
ATOM   76  N N7     . DG  A 1 3 ? 0.821   -1.692  7.018   1.00 0.00 ? 3  DG  A N7     1 
ATOM   77  C C5     . DG  A 1 3 ? -0.570  -1.887  6.966   1.00 0.00 ? 3  DG  A C5     1 
ATOM   78  C C6     . DG  A 1 3 ? -1.613  -1.109  6.352   1.00 0.00 ? 3  DG  A C6     1 
ATOM   79  O O6     . DG  A 1 3 ? -1.540  -0.020  5.786   1.00 0.00 ? 3  DG  A O6     1 
ATOM   80  N N1     . DG  A 1 3 ? -2.855  -1.705  6.430   1.00 0.00 ? 3  DG  A N1     1 
ATOM   81  C C2     . DG  A 1 3 ? -3.096  -2.872  7.068   1.00 0.00 ? 3  DG  A C2     1 
ATOM   82  N N2     . DG  A 1 3 ? -4.312  -3.342  7.014   1.00 0.00 ? 3  DG  A N2     1 
ATOM   83  N N3     . DG  A 1 3 ? -2.181  -3.599  7.712   1.00 0.00 ? 3  DG  A N3     1 
ATOM   84  C C4     . DG  A 1 3 ? -0.927  -3.055  7.615   1.00 0.00 ? 3  DG  A C4     1 
ATOM   85  H "H5'"  . DG  A 1 3 ? 4.102   -4.437  9.992   1.00 0.00 ? 3  DG  A "H5'"  1 
ATOM   86  H "H5''" . DG  A 1 3 ? 4.762   -5.812  9.089   1.00 0.00 ? 3  DG  A "H5''" 1 
ATOM   87  H "H4'"  . DG  A 1 3 ? 2.641   -6.472  10.151  1.00 0.00 ? 3  DG  A "H4'"  1 
ATOM   88  H "H3'"  . DG  A 1 3 ? 3.022   -6.788  7.365   1.00 0.00 ? 3  DG  A "H3'"  1 
ATOM   89  H "H2'"  . DG  A 1 3 ? 1.687   -4.980  6.726   1.00 0.00 ? 3  DG  A "H2'"  1 
ATOM   90  H "H2''" . DG  A 1 3 ? 0.387   -6.227  6.868   1.00 0.00 ? 3  DG  A "H2''" 1 
ATOM   91  H "H1'"  . DG  A 1 3 ? -0.326  -5.415  9.071   1.00 0.00 ? 3  DG  A "H1'"  1 
ATOM   92  H H8     . DG  A 1 3 ? 2.232   -2.930  8.025   1.00 0.00 ? 3  DG  A H8     1 
ATOM   93  H H1     . DG  A 1 3 ? -3.624  -1.223  5.991   1.00 0.00 ? 3  DG  A H1     1 
ATOM   94  H H21    . DG  A 1 3 ? -5.020  -2.868  6.453   1.00 0.00 ? 3  DG  A H21    1 
ATOM   95  H H22    . DG  A 1 3 ? -4.491  -4.218  7.460   1.00 0.00 ? 3  DG  A H22    1 
ATOM   96  P P      . DG  A 1 4 ? 1.373   -9.049  7.337   1.00 0.00 ? 4  DG  A P      1 
ATOM   97  O OP1    . DG  A 1 4 ? 0.989   -10.227 8.143   1.00 0.00 ? 4  DG  A OP1    1 
ATOM   98  O OP2    . DG  A 1 4 ? 2.613   -9.145  6.548   1.00 0.00 ? 4  DG  A OP2    1 
ATOM   99  O "O5'"  . DG  A 1 4 ? 0.129   -8.643  6.378   1.00 0.00 ? 4  DG  A "O5'"  1 
ATOM   100 C "C5'"  . DG  A 1 4 ? -1.213  -8.930  6.766   1.00 0.00 ? 4  DG  A "C5'"  1 
ATOM   101 C "C4'"  . DG  A 1 4 ? -2.340  -8.386  5.860   1.00 0.00 ? 4  DG  A "C4'"  1 
ATOM   102 O "O4'"  . DG  A 1 4 ? -2.527  -6.986  5.974   1.00 0.00 ? 4  DG  A "O4'"  1 
ATOM   103 C "C3'"  . DG  A 1 4 ? -2.297  -8.693  4.357   1.00 0.00 ? 4  DG  A "C3'"  1 
ATOM   104 O "O3'"  . DG  A 1 4 ? -2.810  -10.001 4.127   1.00 0.00 ? 4  DG  A "O3'"  1 
ATOM   105 C "C2'"  . DG  A 1 4 ? -3.300  -7.670  3.840   1.00 0.00 ? 4  DG  A "C2'"  1 
ATOM   106 C "C1'"  . DG  A 1 4 ? -3.225  -6.512  4.826   1.00 0.00 ? 4  DG  A "C1'"  1 
ATOM   107 N N9     . DG  A 1 4 ? -2.501  -5.346  4.290   1.00 0.00 ? 4  DG  A N9     1 
ATOM   108 C C8     . DG  A 1 4 ? -1.197  -5.020  4.515   1.00 0.00 ? 4  DG  A C8     1 
ATOM   109 N N7     . DG  A 1 4 ? -0.864  -3.814  4.129   1.00 0.00 ? 4  DG  A N7     1 
ATOM   110 C C5     . DG  A 1 4 ? -2.048  -3.326  3.539   1.00 0.00 ? 4  DG  A C5     1 
ATOM   111 C C6     . DG  A 1 4 ? -2.386  -2.062  2.924   1.00 0.00 ? 4  DG  A C6     1 
ATOM   112 O O6     . DG  A 1 4 ? -1.694  -1.062  2.742   1.00 0.00 ? 4  DG  A O6     1 
ATOM   113 N N1     . DG  A 1 4 ? -3.690  -1.997  2.477   1.00 0.00 ? 4  DG  A N1     1 
ATOM   114 C C2     . DG  A 1 4 ? -4.589  -2.998  2.620   1.00 0.00 ? 4  DG  A C2     1 
ATOM   115 N N2     . DG  A 1 4 ? -5.773  -2.831  2.101   1.00 0.00 ? 4  DG  A N2     1 
ATOM   116 N N3     . DG  A 1 4 ? -4.336  -4.174  3.185   1.00 0.00 ? 4  DG  A N3     1 
ATOM   117 C C4     . DG  A 1 4 ? -3.048  -4.274  3.630   1.00 0.00 ? 4  DG  A C4     1 
ATOM   118 H "H5'"  . DG  A 1 4 ? -1.377  -8.536  7.770   1.00 0.00 ? 4  DG  A "H5'"  1 
ATOM   119 H "H5''" . DG  A 1 4 ? -1.324  -10.014 6.816   1.00 0.00 ? 4  DG  A "H5''" 1 
ATOM   120 H "H4'"  . DG  A 1 4 ? -3.257  -8.841  6.236   1.00 0.00 ? 4  DG  A "H4'"  1 
ATOM   121 H "H3'"  . DG  A 1 4 ? -1.311  -8.481  3.926   1.00 0.00 ? 4  DG  A "H3'"  1 
ATOM   122 H "H2'"  . DG  A 1 4 ? -3.036  -7.353  2.841   1.00 0.00 ? 4  DG  A "H2'"  1 
ATOM   123 H "H2''" . DG  A 1 4 ? -4.310  -8.082  3.842   1.00 0.00 ? 4  DG  A "H2''" 1 
ATOM   124 H "H1'"  . DG  A 1 4 ? -4.221  -6.189  5.109   1.00 0.00 ? 4  DG  A "H1'"  1 
ATOM   125 H H8     . DG  A 1 4 ? -0.585  -5.664  5.130   1.00 0.00 ? 4  DG  A H8     1 
ATOM   126 H H1     . DG  A 1 4 ? -3.984  -1.136  2.039   1.00 0.00 ? 4  DG  A H1     1 
ATOM   127 H H21    . DG  A 1 4 ? -5.993  -1.989  1.571   1.00 0.00 ? 4  DG  A H21    1 
ATOM   128 H H22    . DG  A 1 4 ? -6.410  -3.595  2.180   1.00 0.00 ? 4  DG  A H22    1 
ATOM   129 P P      . DT  A 1 5 ? -2.678  -10.783 2.733   1.00 0.00 ? 5  DT  A P      1 
ATOM   130 O OP1    . DT  A 1 5 ? -3.657  -11.888 2.843   1.00 0.00 ? 5  DT  A OP1    1 
ATOM   131 O OP2    . DT  A 1 5 ? -1.281  -11.218 2.574   1.00 0.00 ? 5  DT  A OP2    1 
ATOM   132 O "O5'"  . DT  A 1 5 ? -3.122  -9.807  1.539   1.00 0.00 ? 5  DT  A "O5'"  1 
ATOM   133 C "C5'"  . DT  A 1 5 ? -4.480  -9.752  1.116   1.00 0.00 ? 5  DT  A "C5'"  1 
ATOM   134 C "C4'"  . DT  A 1 5 ? -4.817  -8.566  0.203   1.00 0.00 ? 5  DT  A "C4'"  1 
ATOM   135 O "O4'"  . DT  A 1 5 ? -4.575  -7.328  0.859   1.00 0.00 ? 5  DT  A "O4'"  1 
ATOM   136 C "C3'"  . DT  A 1 5 ? -4.137  -8.532  -1.172  1.00 0.00 ? 5  DT  A "C3'"  1 
ATOM   137 O "O3'"  . DT  A 1 5 ? -4.907  -9.311  -2.084  1.00 0.00 ? 5  DT  A "O3'"  1 
ATOM   138 C "C2'"  . DT  A 1 5 ? -4.323  -7.022  -1.450  1.00 0.00 ? 5  DT  A "C2'"  1 
ATOM   139 C "C1'"  . DT  A 1 5 ? -4.494  -6.285  -0.102  1.00 0.00 ? 5  DT  A "C1'"  1 
ATOM   140 N N1     . DT  A 1 5 ? -3.333  -5.393  0.133   1.00 0.00 ? 5  DT  A N1     1 
ATOM   141 C C2     . DT  A 1 5 ? -3.394  -4.090  -0.375  1.00 0.00 ? 5  DT  A C2     1 
ATOM   142 O O2     . DT  A 1 5 ? -4.374  -3.636  -0.957  1.00 0.00 ? 5  DT  A O2     1 
ATOM   143 N N3     . DT  A 1 5 ? -2.274  -3.317  -0.212  1.00 0.00 ? 5  DT  A N3     1 
ATOM   144 C C4     . DT  A 1 5 ? -1.083  -3.729  0.340   1.00 0.00 ? 5  DT  A C4     1 
ATOM   145 O O4     . DT  A 1 5 ? -0.169  -2.913  0.417   1.00 0.00 ? 5  DT  A O4     1 
ATOM   146 C C5     . DT  A 1 5 ? -1.065  -5.130  0.791   1.00 0.00 ? 5  DT  A C5     1 
ATOM   147 C C7     . DT  A 1 5 ? 0.205   -5.740  1.354   1.00 0.00 ? 5  DT  A C7     1 
ATOM   148 C C6     . DT  A 1 5 ? -2.185  -5.897  0.691   1.00 0.00 ? 5  DT  A C6     1 
ATOM   149 H "H5'"  . DT  A 1 5 ? -5.123  -9.685  1.994   1.00 0.00 ? 5  DT  A "H5'"  1 
ATOM   150 H "H5''" . DT  A 1 5 ? -4.724  -10.676 0.589   1.00 0.00 ? 5  DT  A "H5''" 1 
ATOM   151 H "H4'"  . DT  A 1 5 ? -5.890  -8.617  0.007   1.00 0.00 ? 5  DT  A "H4'"  1 
ATOM   152 H "H3'"  . DT  A 1 5 ? -3.083  -8.889  -1.122  1.00 0.00 ? 5  DT  A "H3'"  1 
ATOM   153 H "H2'"  . DT  A 1 5 ? -3.472  -6.641  -2.013  1.00 0.00 ? 5  DT  A "H2'"  1 
ATOM   154 H "H2''" . DT  A 1 5 ? -5.231  -6.855  -2.026  1.00 0.00 ? 5  DT  A "H2''" 1 
ATOM   155 H "H1'"  . DT  A 1 5 ? -5.398  -5.657  0.005   1.00 0.00 ? 5  DT  A "H1'"  1 
ATOM   156 H H3     . DT  A 1 5 ? -2.322  -2.372  -0.566  1.00 0.00 ? 5  DT  A H3     1 
ATOM   157 H H71    . DT  A 1 5 ? 0.942   -5.825  0.556   1.00 0.00 ? 5  DT  A H71    1 
ATOM   158 H H72    . DT  A 1 5 ? 0.611   -5.076  2.116   1.00 0.00 ? 5  DT  A H72    1 
ATOM   159 H H73    . DT  A 1 5 ? 0.008   -6.721  1.789   1.00 0.00 ? 5  DT  A H73    1 
ATOM   160 H H6     . DT  A 1 5 ? -2.235  -6.953  0.936   1.00 0.00 ? 5  DT  A H6     1 
HETATM 161 P P      . BGR A 1 6 ? -4.466  -9.624  -3.619  1.00 0.00 ? 6  BGR A P      1 
HETATM 162 N N1     . BGR A 1 6 ? -0.929  -0.603  -4.119  1.00 0.00 ? 6  BGR A N1     1 
HETATM 163 C C2     . BGR A 1 6 ? -2.076  -0.553  -4.831  1.00 0.00 ? 6  BGR A C2     1 
HETATM 164 N N2     . BGR A 1 6 ? -2.390  0.578   -5.396  1.00 0.00 ? 6  BGR A N2     1 
HETATM 165 N N3     . BGR A 1 6 ? -2.883  -1.584  -5.044  1.00 0.00 ? 6  BGR A N3     1 
HETATM 166 C C4     . BGR A 1 6 ? -2.415  -2.732  -4.469  1.00 0.00 ? 6  BGR A C4     1 
HETATM 167 C C5     . BGR A 1 6 ? -1.258  -2.907  -3.739  1.00 0.00 ? 6  BGR A C5     1 
HETATM 168 C C6     . BGR A 1 6 ? -0.441  -1.742  -3.512  1.00 0.00 ? 6  BGR A C6     1 
HETATM 169 O O6     . BGR A 1 6 ? 0.620   -1.627  -2.904  1.00 0.00 ? 6  BGR A O6     1 
HETATM 170 N N7     . BGR A 1 6 ? -1.108  -4.259  -3.387  1.00 0.00 ? 6  BGR A N7     1 
HETATM 171 C C8     . BGR A 1 6 ? -2.179  -4.821  -3.881  1.00 0.00 ? 6  BGR A C8     1 
HETATM 172 N N9     . BGR A 1 6 ? -3.020  -3.958  -4.520  1.00 0.00 ? 6  BGR A N9     1 
HETATM 173 B BP     . BGR A 1 6 ? -2.631  -10.193 -3.873  1.00 0.00 ? 6  BGR A BP     1 
HETATM 174 C "C1'"  . BGR A 1 6 ? -4.316  -4.237  -5.149  1.00 0.00 ? 6  BGR A "C1'"  1 
HETATM 175 C "C2'"  . BGR A 1 6 ? -4.159  -4.732  -6.587  1.00 0.00 ? 6  BGR A "C2'"  1 
HETATM 176 C "C3'"  . BGR A 1 6 ? -4.484  -6.217  -6.489  1.00 0.00 ? 6  BGR A "C3'"  1 
HETATM 177 O "O3'"  . BGR A 1 6 ? -5.041  -6.719  -7.696  1.00 0.00 ? 6  BGR A "O3'"  1 
HETATM 178 C "C4'"  . BGR A 1 6 ? -5.504  -6.194  -5.344  1.00 0.00 ? 6  BGR A "C4'"  1 
HETATM 179 O "O4'"  . BGR A 1 6 ? -5.004  -5.244  -4.423  1.00 0.00 ? 6  BGR A "O4'"  1 
HETATM 180 C "C5'"  . BGR A 1 6 ? -5.723  -7.562  -4.693  1.00 0.00 ? 6  BGR A "C5'"  1 
HETATM 181 O "O5'"  . BGR A 1 6 ? -4.501  -8.167  -4.311  1.00 0.00 ? 6  BGR A "O5'"  1 
HETATM 182 O OP2    . BGR A 1 6 ? -5.593  -10.381 -4.226  1.00 0.00 ? 6  BGR A OP2    1 
HETATM 183 H HN1    . BGR A 1 6 ? -0.382  0.235   -4.024  1.00 0.00 ? 6  BGR A HN1    1 
HETATM 184 H H8     . BGR A 1 6 ? -2.426  -5.865  -3.786  1.00 0.00 ? 6  BGR A H8     1 
HETATM 185 H H1BP   . BGR A 1 6 ? -2.413  -10.374 -5.069  1.00 0.00 ? 6  BGR A H1BP   1 
HETATM 186 H H2BP   . BGR A 1 6 ? -2.380  -11.243 -3.290  1.00 0.00 ? 6  BGR A H2BP   1 
HETATM 187 H H3BP   . BGR A 1 6 ? -1.838  -9.332  -3.511  1.00 0.00 ? 6  BGR A H3BP   1 
HETATM 188 H "H1'"  . BGR A 1 6 ? -4.882  -3.314  -5.105  1.00 0.00 ? 6  BGR A "H1'"  1 
HETATM 189 H "H2'"  . BGR A 1 6 ? -3.148  -4.583  -6.958  1.00 0.00 ? 6  BGR A "H2'"  1 
HETATM 190 H "H2'A" . BGR A 1 6 ? -4.877  -4.224  -7.231  1.00 0.00 ? 6  BGR A "H2'A" 1 
HETATM 191 H HN2    . BGR A 1 6 ? -1.770  1.378   -5.316  1.00 0.00 ? 6  BGR A HN2    1 
HETATM 192 H HN2A   . BGR A 1 6 ? -3.227  0.595   -5.946  1.00 0.00 ? 6  BGR A HN2A   1 
HETATM 193 H "H3'"  . BGR A 1 6 ? -3.580  -6.771  -6.197  1.00 0.00 ? 6  BGR A "H3'"  1 
HETATM 194 H "H4'"  . BGR A 1 6 ? -6.473  -5.832  -5.708  1.00 0.00 ? 6  BGR A "H4'"  1 
HETATM 195 H "H5'"  . BGR A 1 6 ? -6.376  -7.452  -3.827  1.00 0.00 ? 6  BGR A "H5'"  1 
HETATM 196 H "H5'A" . BGR A 1 6 ? -6.213  -8.217  -5.409  1.00 0.00 ? 6  BGR A "H5'A" 1 
ATOM   197 P P      . DC  A 1 7 ? -4.092  -7.169  -8.910  1.00 0.00 ? 7  DC  A P      1 
ATOM   198 O OP1    . DC  A 1 7 ? -4.985  -7.743  -9.936  1.00 0.00 ? 7  DC  A OP1    1 
ATOM   199 O OP2    . DC  A 1 7 ? -3.026  -8.016  -8.320  1.00 0.00 ? 7  DC  A OP2    1 
ATOM   200 O "O5'"  . DC  A 1 7 ? -3.450  -5.795  -9.463  1.00 0.00 ? 7  DC  A "O5'"  1 
ATOM   201 C "C5'"  . DC  A 1 7 ? -4.233  -4.834  -10.177 1.00 0.00 ? 7  DC  A "C5'"  1 
ATOM   202 C "C4'"  . DC  A 1 7 ? -3.523  -3.473  -10.332 1.00 0.00 ? 7  DC  A "C4'"  1 
ATOM   203 O "O4'"  . DC  A 1 7 ? -3.178  -2.937  -9.062  1.00 0.00 ? 7  DC  A "O4'"  1 
ATOM   204 C "C3'"  . DC  A 1 7 ? -2.285  -3.473  -11.213 1.00 0.00 ? 7  DC  A "C3'"  1 
ATOM   205 O "O3'"  . DC  A 1 7 ? -2.579  -3.200  -12.583 1.00 0.00 ? 7  DC  A "O3'"  1 
ATOM   206 C "C2'"  . DC  A 1 7 ? -1.554  -2.290  -10.583 1.00 0.00 ? 7  DC  A "C2'"  1 
ATOM   207 C "C1'"  . DC  A 1 7 ? -2.165  -1.962  -9.228  1.00 0.00 ? 7  DC  A "C1'"  1 
ATOM   208 N N1     . DC  A 1 7 ? -1.096  -2.099  -8.208  1.00 0.00 ? 7  DC  A N1     1 
ATOM   209 C C2     . DC  A 1 7 ? -0.339  -0.992  -7.790  1.00 0.00 ? 7  DC  A C2     1 
ATOM   210 O O2     . DC  A 1 7 ? -0.553  0.151   -8.206  1.00 0.00 ? 7  DC  A O2     1 
ATOM   211 N N3     . DC  A 1 7 ? 0.683   -1.167  -6.916  1.00 0.00 ? 7  DC  A N3     1 
ATOM   212 C C4     . DC  A 1 7 ? 0.915   -2.384  -6.457  1.00 0.00 ? 7  DC  A C4     1 
ATOM   213 N N4     . DC  A 1 7 ? 1.845   -2.526  -5.566  1.00 0.00 ? 7  DC  A N4     1 
ATOM   214 C C5     . DC  A 1 7 ? 0.200   -3.538  -6.870  1.00 0.00 ? 7  DC  A C5     1 
ATOM   215 C C6     . DC  A 1 7 ? -0.761  -3.357  -7.806  1.00 0.00 ? 7  DC  A C6     1 
ATOM   216 H "H5'"  . DC  A 1 7 ? -5.168  -4.668  -9.642  1.00 0.00 ? 7  DC  A "H5'"  1 
ATOM   217 H "H5''" . DC  A 1 7 ? -4.470  -5.229  -11.167 1.00 0.00 ? 7  DC  A "H5''" 1 
ATOM   218 H "H4'"  . DC  A 1 7 ? -4.168  -2.752  -10.810 1.00 0.00 ? 7  DC  A "H4'"  1 
ATOM   219 H "H3'"  . DC  A 1 7 ? -1.755  -4.424  -11.093 1.00 0.00 ? 7  DC  A "H3'"  1 
ATOM   220 H "H2'"  . DC  A 1 7 ? -0.547  -2.621  -10.430 1.00 0.00 ? 7  DC  A "H2'"  1 
ATOM   221 H "H2''" . DC  A 1 7 ? -1.586  -1.405  -11.191 1.00 0.00 ? 7  DC  A "H2''" 1 
ATOM   222 H "H1'"  . DC  A 1 7 ? -2.654  -0.987  -9.130  1.00 0.00 ? 7  DC  A "H1'"  1 
ATOM   223 H H41    . DC  A 1 7 ? 2.318   -1.699  -5.212  1.00 0.00 ? 7  DC  A H41    1 
ATOM   224 H H42    . DC  A 1 7 ? 1.911   -3.385  -5.062  1.00 0.00 ? 7  DC  A H42    1 
ATOM   225 H H5     . DC  A 1 7 ? 0.409   -4.493  -6.412  1.00 0.00 ? 7  DC  A H5     1 
ATOM   226 H H6     . DC  A 1 7 ? -1.316  -4.166  -8.260  1.00 0.00 ? 7  DC  A H6     1 
ATOM   227 P P      . DT  A 1 8 ? -1.440  -3.169  -13.718 1.00 0.00 ? 8  DT  A P      1 
ATOM   228 O OP1    . DT  A 1 8 ? -2.099  -3.276  -15.037 1.00 0.00 ? 8  DT  A OP1    1 
ATOM   229 O OP2    . DT  A 1 8 ? -0.468  -4.236  -13.415 1.00 0.00 ? 8  DT  A OP2    1 
ATOM   230 O "O5'"  . DT  A 1 8 ? -0.669  -1.760  -13.618 1.00 0.00 ? 8  DT  A "O5'"  1 
ATOM   231 C "C5'"  . DT  A 1 8 ? -1.339  -0.512  -13.780 1.00 0.00 ? 8  DT  A "C5'"  1 
ATOM   232 C "C4'"  . DT  A 1 8 ? -0.452  0.677   -13.360 1.00 0.00 ? 8  DT  A "C4'"  1 
ATOM   233 O "O4'"  . DT  A 1 8 ? 0.048   0.475   -12.046 1.00 0.00 ? 8  DT  A "O4'"  1 
ATOM   234 C "C3'"  . DT  A 1 8 ? 0.739   0.930   -14.301 1.00 0.00 ? 8  DT  A "C3'"  1 
ATOM   235 O "O3'"  . DT  A 1 8 ? 0.755   2.287   -14.746 1.00 0.00 ? 8  DT  A "O3'"  1 
ATOM   236 C "C2'"  . DT  A 1 8 ? 1.945   0.627   -13.403 1.00 0.00 ? 8  DT  A "C2'"  1 
ATOM   237 C "C1'"  . DT  A 1 8 ? 1.412   0.850   -11.991 1.00 0.00 ? 8  DT  A "C1'"  1 
ATOM   238 N N1     . DT  A 1 8 ? 2.145   0.005   -11.008 1.00 0.00 ? 8  DT  A N1     1 
ATOM   239 C C2     . DT  A 1 8 ? 3.104   0.598   -10.170 1.00 0.00 ? 8  DT  A C2     1 
ATOM   240 O O2     . DT  A 1 8 ? 3.372   1.794   -10.204 1.00 0.00 ? 8  DT  A O2     1 
ATOM   241 N N3     . DT  A 1 8 ? 3.769   -0.234  -9.288  1.00 0.00 ? 8  DT  A N3     1 
ATOM   242 C C4     . DT  A 1 8 ? 3.551   -1.594  -9.178  1.00 0.00 ? 8  DT  A C4     1 
ATOM   243 O O4     . DT  A 1 8 ? 4.169   -2.235  -8.337  1.00 0.00 ? 8  DT  A O4     1 
ATOM   244 C C5     . DT  A 1 8 ? 2.589   -2.155  -10.124 1.00 0.00 ? 8  DT  A C5     1 
ATOM   245 C C7     . DT  A 1 8 ? 2.320   -3.650  -10.155 1.00 0.00 ? 8  DT  A C7     1 
ATOM   246 C C6     . DT  A 1 8 ? 1.927   -1.354  -10.995 1.00 0.00 ? 8  DT  A C6     1 
ATOM   247 H "H5'"  . DT  A 1 8 ? -2.239  -0.501  -13.163 1.00 0.00 ? 8  DT  A "H5'"  1 
ATOM   248 H "H5''" . DT  A 1 8 ? -1.642  -0.394  -14.821 1.00 0.00 ? 8  DT  A "H5''" 1 
ATOM   249 H "H4'"  . DT  A 1 8 ? -1.065  1.579   -13.342 1.00 0.00 ? 8  DT  A "H4'"  1 
ATOM   250 H "H3'"  . DT  A 1 8 ? 0.677   0.258   -15.163 1.00 0.00 ? 8  DT  A "H3'"  1 
ATOM   251 H "H2'"  . DT  A 1 8 ? 2.269   -0.410  -13.523 1.00 0.00 ? 8  DT  A "H2'"  1 
ATOM   252 H "H2''" . DT  A 1 8 ? 2.782   1.291   -13.590 1.00 0.00 ? 8  DT  A "H2''" 1 
ATOM   253 H "H1'"  . DT  A 1 8 ? 1.458   1.902   -11.697 1.00 0.00 ? 8  DT  A "H1'"  1 
ATOM   254 H H3     . DT  A 1 8 ? 4.484   0.174   -8.700  1.00 0.00 ? 8  DT  A H3     1 
ATOM   255 H H71    . DT  A 1 8 ? 1.595   -3.908  -10.928 1.00 0.00 ? 8  DT  A H71    1 
ATOM   256 H H72    . DT  A 1 8 ? 3.254   -4.179  -10.346 1.00 0.00 ? 8  DT  A H72    1 
ATOM   257 H H73    . DT  A 1 8 ? 1.945   -3.967  -9.185  1.00 0.00 ? 8  DT  A H73    1 
ATOM   258 H H6     . DT  A 1 8 ? 1.193   -1.776  -11.673 1.00 0.00 ? 8  DT  A H6     1 
ATOM   259 P P      . DC  A 1 9 ? 1.679   2.762   -15.976 1.00 0.00 ? 9  DC  A P      1 
ATOM   260 O OP1    . DC  A 1 9 ? 1.138   4.093   -16.323 1.00 0.00 ? 9  DC  A OP1    1 
ATOM   261 O OP2    . DC  A 1 9 ? 1.691   1.678   -16.982 1.00 0.00 ? 9  DC  A OP2    1 
ATOM   262 O "O5'"  . DC  A 1 9 ? 3.146   2.931   -15.368 1.00 0.00 ? 9  DC  A "O5'"  1 
ATOM   263 C "C5'"  . DC  A 1 9 ? 3.486   4.017   -14.509 1.00 0.00 ? 9  DC  A "C5'"  1 
ATOM   264 C "C4'"  . DC  A 1 9 ? 4.888   3.866   -13.891 1.00 0.00 ? 9  DC  A "C4'"  1 
ATOM   265 O "O4'"  . DC  A 1 9 ? 4.899   2.802   -12.951 1.00 0.00 ? 9  DC  A "O4'"  1 
ATOM   266 C "C3'"  . DC  A 1 9 ? 6.007   3.598   -14.906 1.00 0.00 ? 9  DC  A "C3'"  1 
ATOM   267 O "O3'"  . DC  A 1 9 ? 6.828   4.745   -15.092 1.00 0.00 ? 9  DC  A "O3'"  1 
ATOM   268 C "C2'"  . DC  A 1 9 ? 6.837   2.492   -14.222 1.00 0.00 ? 9  DC  A "C2'"  1 
ATOM   269 C "C1'"  . DC  A 1 9 ? 6.221   2.315   -12.828 1.00 0.00 ? 9  DC  A "C1'"  1 
ATOM   270 N N1     . DC  A 1 9 ? 6.211   0.898   -12.370 1.00 0.00 ? 9  DC  A N1     1 
ATOM   271 C C2     . DC  A 1 9 ? 7.007   0.490   -11.292 1.00 0.00 ? 9  DC  A C2     1 
ATOM   272 O O2     . DC  A 1 9 ? 7.816   1.245   -10.760 1.00 0.00 ? 9  DC  A O2     1 
ATOM   273 N N3     . DC  A 1 9 ? 6.941   -0.785  -10.834 1.00 0.00 ? 9  DC  A N3     1 
ATOM   274 C C4     . DC  A 1 9 ? 6.150   -1.635  -11.449 1.00 0.00 ? 9  DC  A C4     1 
ATOM   275 N N4     . DC  A 1 9 ? 6.093   -2.826  -10.924 1.00 0.00 ? 9  DC  A N4     1 
ATOM   276 C C5     . DC  A 1 9 ? 5.382   -1.303  -12.602 1.00 0.00 ? 9  DC  A C5     1 
ATOM   277 C C6     . DC  A 1 9 ? 5.443   -0.016  -13.030 1.00 0.00 ? 9  DC  A C6     1 
ATOM   278 H "H5'"  . DC  A 1 9 ? 2.763   4.078   -13.695 1.00 0.00 ? 9  DC  A "H5'"  1 
ATOM   279 H "H5''" . DC  A 1 9 ? 3.453   4.947   -15.077 1.00 0.00 ? 9  DC  A "H5''" 1 
ATOM   280 H "H4'"  . DC  A 1 9 ? 5.139   4.789   -13.371 1.00 0.00 ? 9  DC  A "H4'"  1 
ATOM   281 H "H3'"  . DC  A 1 9 ? 5.558   3.280   -15.861 1.00 0.00 ? 9  DC  A "H3'"  1 
ATOM   282 H "HO3'" . DC  A 1 9 ? 7.326   4.634   -15.916 1.00 0.00 ? 9  DC  A "HO3'" 1 
ATOM   283 H "H2'"  . DC  A 1 9 ? 6.760   1.562   -14.791 1.00 0.00 ? 9  DC  A "H2'"  1 
ATOM   284 H "H2''" . DC  A 1 9 ? 7.886   2.782   -14.091 1.00 0.00 ? 9  DC  A "H2''" 1 
ATOM   285 H "H1'"  . DC  A 1 9 ? 6.779   2.917   -12.113 1.00 0.00 ? 9  DC  A "H1'"  1 
ATOM   286 H H41    . DC  A 1 9 ? 6.533   -2.958  -10.022 1.00 0.00 ? 9  DC  A H41    1 
ATOM   287 H H42    . DC  A 1 9 ? 5.482   -3.511  -11.316 1.00 0.00 ? 9  DC  A H42    1 
ATOM   288 H H5     . DC  A 1 9 ? 4.770   -2.014  -13.130 1.00 0.00 ? 9  DC  A H5     1 
ATOM   289 H H6     . DC  A 1 9 ? 4.867   0.357   -13.869 1.00 0.00 ? 9  DC  A H6     1 
ATOM   290 O "O5'"  . G   B 2 1 ? 12.671  -5.226  -2.407  1.00 0.00 ? 10 G   B "O5'"  1 
ATOM   291 C "C5'"  . G   B 2 1 ? 13.863  -4.468  -2.585  1.00 0.00 ? 10 G   B "C5'"  1 
ATOM   292 C "C4'"  . G   B 2 1 ? 13.661  -3.203  -3.437  1.00 0.00 ? 10 G   B "C4'"  1 
ATOM   293 O "O4'"  . G   B 2 1 ? 13.228  -3.503  -4.763  1.00 0.00 ? 10 G   B "O4'"  1 
ATOM   294 C "C3'"  . G   B 2 1 ? 12.689  -2.176  -2.850  1.00 0.00 ? 10 G   B "C3'"  1 
ATOM   295 O "O3'"  . G   B 2 1 ? 13.230  -1.254  -1.901  1.00 0.00 ? 10 G   B "O3'"  1 
ATOM   296 C "C2'"  . G   B 2 1 ? 12.199  -1.467  -4.109  1.00 0.00 ? 10 G   B "C2'"  1 
ATOM   297 O "O2'"  . G   B 2 1 ? 12.894  -0.277  -4.435  1.00 0.00 ? 10 G   B "O2'"  1 
ATOM   298 C "C1'"  . G   B 2 1 ? 12.444  -2.415  -5.251  1.00 0.00 ? 10 G   B "C1'"  1 
ATOM   299 N N9     . G   B 2 1 ? 11.151  -2.869  -5.758  1.00 0.00 ? 10 G   B N9     1 
ATOM   300 C C8     . G   B 2 1 ? 10.454  -3.931  -5.305  1.00 0.00 ? 10 G   B C8     1 
ATOM   301 N N7     . G   B 2 1 ? 9.328   -4.157  -5.938  1.00 0.00 ? 10 G   B N7     1 
ATOM   302 C C5     . G   B 2 1 ? 9.282   -3.106  -6.873  1.00 0.00 ? 10 G   B C5     1 
ATOM   303 C C6     . G   B 2 1 ? 8.330   -2.789  -7.905  1.00 0.00 ? 10 G   B C6     1 
ATOM   304 O O6     . G   B 2 1 ? 7.312   -3.413  -8.213  1.00 0.00 ? 10 G   B O6     1 
ATOM   305 N N1     . G   B 2 1 ? 8.636   -1.643  -8.611  1.00 0.00 ? 10 G   B N1     1 
ATOM   306 C C2     . G   B 2 1 ? 9.757   -0.911  -8.399  1.00 0.00 ? 10 G   B C2     1 
ATOM   307 N N2     . G   B 2 1 ? 9.913   0.168   -9.112  1.00 0.00 ? 10 G   B N2     1 
ATOM   308 N N3     . G   B 2 1 ? 10.708  -1.215  -7.519  1.00 0.00 ? 10 G   B N3     1 
ATOM   309 C C4     . G   B 2 1 ? 10.403  -2.314  -6.766  1.00 0.00 ? 10 G   B C4     1 
ATOM   310 H "H5'"  . G   B 2 1 ? 14.623  -5.094  -3.058  1.00 0.00 ? 10 G   B "H5'"  1 
ATOM   311 H "H5''" . G   B 2 1 ? 14.238  -4.164  -1.606  1.00 0.00 ? 10 G   B "H5''" 1 
ATOM   312 H "H4'"  . G   B 2 1 ? 14.618  -2.711  -3.527  1.00 0.00 ? 10 G   B "H4'"  1 
ATOM   313 H "H3'"  . G   B 2 1 ? 11.854  -2.723  -2.408  1.00 0.00 ? 10 G   B "H3'"  1 
ATOM   314 H "H2'"  . G   B 2 1 ? 11.125  -1.374  -4.006  1.00 0.00 ? 10 G   B "H2'"  1 
ATOM   315 H "HO2'" . G   B 2 1 ? 12.507  0.454   -3.933  1.00 0.00 ? 10 G   B "HO2'" 1 
ATOM   316 H "H1'"  . G   B 2 1 ? 12.891  -1.976  -6.126  1.00 0.00 ? 10 G   B "H1'"  1 
ATOM   317 H H8     . G   B 2 1 ? 10.965  -4.590  -4.625  1.00 0.00 ? 10 G   B H8     1 
ATOM   318 H H1     . G   B 2 1 ? 7.973   -1.310  -9.294  1.00 0.00 ? 10 G   B H1     1 
ATOM   319 H H21    . G   B 2 1 ? 9.153   0.527   -9.689  1.00 0.00 ? 10 G   B H21    1 
ATOM   320 H H22    . G   B 2 1 ? 10.720  0.726   -8.907  1.00 0.00 ? 10 G   B H22    1 
ATOM   321 H "HO5'" . G   B 2 1 ? 12.680  -5.958  -3.041  1.00 0.00 ? 10 G   B "HO5'" 1 
ATOM   322 P P      . A   B 2 2 ? 12.246  -0.332  -1.039  1.00 0.00 ? 11 A   B P      1 
ATOM   323 O OP1    . A   B 2 2 ? 13.013  0.302   0.056   1.00 0.00 ? 11 A   B OP1    1 
ATOM   324 O OP2    . A   B 2 2 ? 11.117  -1.168  -0.597  1.00 0.00 ? 11 A   B OP2    1 
ATOM   325 O "O5'"  . A   B 2 2 ? 11.667  0.814   -2.009  1.00 0.00 ? 11 A   B "O5'"  1 
ATOM   326 C "C5'"  . A   B 2 2 ? 12.351  2.042   -2.222  1.00 0.00 ? 11 A   B "C5'"  1 
ATOM   327 C "C4'"  . A   B 2 2 ? 11.707  2.916   -3.318  1.00 0.00 ? 11 A   B "C4'"  1 
ATOM   328 O "O4'"  . A   B 2 2 ? 11.577  2.215   -4.560  1.00 0.00 ? 11 A   B "O4'"  1 
ATOM   329 C "C3'"  . A   B 2 2 ? 10.326  3.517   -3.018  1.00 0.00 ? 11 A   B "C3'"  1 
ATOM   330 O "O3'"  . A   B 2 2 ? 10.344  4.703   -2.230  1.00 0.00 ? 11 A   B "O3'"  1 
ATOM   331 C "C2'"  . A   B 2 2 ? 9.920   3.860   -4.460  1.00 0.00 ? 11 A   B "C2'"  1 
ATOM   332 O "O2'"  . A   B 2 2 ? 10.640  4.995   -4.926  1.00 0.00 ? 11 A   B "O2'"  1 
ATOM   333 C "C1'"  . A   B 2 2 ? 10.383  2.638   -5.234  1.00 0.00 ? 11 A   B "C1'"  1 
ATOM   334 N N9     . A   B 2 2 ? 9.387   1.547   -5.304  1.00 0.00 ? 11 A   B N9     1 
ATOM   335 C C8     . A   B 2 2 ? 9.436   0.391   -4.596  1.00 0.00 ? 11 A   B C8     1 
ATOM   336 N N7     . A   B 2 2 ? 8.480   -0.461  -4.833  1.00 0.00 ? 11 A   B N7     1 
ATOM   337 C C5     . A   B 2 2 ? 7.748   0.192   -5.833  1.00 0.00 ? 11 A   B C5     1 
ATOM   338 C C6     . A   B 2 2 ? 6.596   -0.143  -6.581  1.00 0.00 ? 11 A   B C6     1 
ATOM   339 N N6     . A   B 2 2 ? 5.933   -1.260  -6.384  1.00 0.00 ? 11 A   B N6     1 
ATOM   340 N N1     . A   B 2 2 ? 6.131   0.642   -7.559  1.00 0.00 ? 11 A   B N1     1 
ATOM   341 C C2     . A   B 2 2 ? 6.784   1.785   -7.756  1.00 0.00 ? 11 A   B C2     1 
ATOM   342 N N3     . A   B 2 2 ? 7.853   2.259   -7.109  1.00 0.00 ? 11 A   B N3     1 
ATOM   343 C C4     . A   B 2 2 ? 8.304   1.401   -6.152  1.00 0.00 ? 11 A   B C4     1 
ATOM   344 H "H5'"  . A   B 2 2 ? 13.381  1.829   -2.512  1.00 0.00 ? 11 A   B "H5'"  1 
ATOM   345 H "H5''" . A   B 2 2 ? 12.372  2.609   -1.289  1.00 0.00 ? 11 A   B "H5''" 1 
ATOM   346 H "H4'"  . A   B 2 2 ? 12.379  3.758   -3.488  1.00 0.00 ? 11 A   B "H4'"  1 
ATOM   347 H "H3'"  . A   B 2 2 ? 9.695   2.745   -2.575  1.00 0.00 ? 11 A   B "H3'"  1 
ATOM   348 H "H2'"  . A   B 2 2 ? 8.860   4.025   -4.586  1.00 0.00 ? 11 A   B "H2'"  1 
ATOM   349 H "HO2'" . A   B 2 2 ? 10.688  5.609   -4.183  1.00 0.00 ? 11 A   B "HO2'" 1 
ATOM   350 H "H1'"  . A   B 2 2 ? 10.567  2.912   -6.252  1.00 0.00 ? 11 A   B "H1'"  1 
ATOM   351 H H8     . A   B 2 2 ? 10.171  0.264   -3.831  1.00 0.00 ? 11 A   B H8     1 
ATOM   352 H H61    . A   B 2 2 ? 5.187   -1.512  -7.022  1.00 0.00 ? 11 A   B H61    1 
ATOM   353 H H62    . A   B 2 2 ? 6.147   -1.795  -5.557  1.00 0.00 ? 11 A   B H62    1 
ATOM   354 H H2     . A   B 2 2 ? 6.371   2.442   -8.510  1.00 0.00 ? 11 A   B H2     1 
ATOM   355 P P      . G   B 2 3 ? 8.997   5.283   -1.581  1.00 0.00 ? 12 G   B P      1 
ATOM   356 O OP1    . G   B 2 3 ? 9.221   6.586   -0.946  1.00 0.00 ? 12 G   B OP1    1 
ATOM   357 O OP2    . G   B 2 3 ? 8.291   4.259   -0.793  1.00 0.00 ? 12 G   B OP2    1 
ATOM   358 O "O5'"  . G   B 2 3 ? 7.952   5.565   -2.747  1.00 0.00 ? 12 G   B "O5'"  1 
ATOM   359 C "C5'"  . G   B 2 3 ? 8.015   6.714   -3.581  1.00 0.00 ? 12 G   B "C5'"  1 
ATOM   360 C "C4'"  . G   B 2 3 ? 6.848   6.671   -4.573  1.00 0.00 ? 12 G   B "C4'"  1 
ATOM   361 O "O4'"  . G   B 2 3 ? 6.905   5.499   -5.376  1.00 0.00 ? 12 G   B "O4'"  1 
ATOM   362 C "C3'"  . G   B 2 3 ? 5.493   6.582   -3.886  1.00 0.00 ? 12 G   B "C3'"  1 
ATOM   363 O "O3'"  . G   B 2 3 ? 5.081   7.766   -3.203  1.00 0.00 ? 12 G   B "O3'"  1 
ATOM   364 C "C2'"  . G   B 2 3 ? 4.618   6.065   -5.033  1.00 0.00 ? 12 G   B "C2'"  1 
ATOM   365 O "O2'"  . G   B 2 3 ? 4.250   7.039   -5.998  1.00 0.00 ? 12 G   B "O2'"  1 
ATOM   366 C "C1'"  . G   B 2 3 ? 5.580   5.077   -5.694  1.00 0.00 ? 12 G   B "C1'"  1 
ATOM   367 N N9     . G   B 2 3 ? 5.300   3.705   -5.226  1.00 0.00 ? 12 G   B N9     1 
ATOM   368 C C8     . G   B 2 3 ? 5.985   3.000   -4.285  1.00 0.00 ? 12 G   B C8     1 
ATOM   369 N N7     . G   B 2 3 ? 5.491   1.831   -4.003  1.00 0.00 ? 12 G   B N7     1 
ATOM   370 C C5     . G   B 2 3 ? 4.408   1.725   -4.881  1.00 0.00 ? 12 G   B C5     1 
ATOM   371 C C6     . G   B 2 3 ? 3.485   0.650   -5.115  1.00 0.00 ? 12 G   B C6     1 
ATOM   372 O O6     . G   B 2 3 ? 3.426   -0.452  -4.577  1.00 0.00 ? 12 G   B O6     1 
ATOM   373 N N1     . G   B 2 3 ? 2.548   0.936   -6.085  1.00 0.00 ? 12 G   B N1     1 
ATOM   374 C C2     . G   B 2 3 ? 2.512   2.092   -6.780  1.00 0.00 ? 12 G   B C2     1 
ATOM   375 N N2     . G   B 2 3 ? 1.566   2.191   -7.675  1.00 0.00 ? 12 G   B N2     1 
ATOM   376 N N3     . G   B 2 3 ? 3.342   3.122   -6.603  1.00 0.00 ? 12 G   B N3     1 
ATOM   377 C C4     . G   B 2 3 ? 4.281   2.873   -5.637  1.00 0.00 ? 12 G   B C4     1 
ATOM   378 H "H5'"  . G   B 2 3 ? 8.954   6.740   -4.132  1.00 0.00 ? 12 G   B "H5'"  1 
ATOM   379 H "H5''" . G   B 2 3 ? 7.940   7.619   -2.976  1.00 0.00 ? 12 G   B "H5''" 1 
ATOM   380 H "H4'"  . G   B 2 3 ? 6.861   7.556   -5.210  1.00 0.00 ? 12 G   B "H4'"  1 
ATOM   381 H "H3'"  . G   B 2 3 ? 5.555   5.766   -3.175  1.00 0.00 ? 12 G   B "H3'"  1 
ATOM   382 H "H2'"  . G   B 2 3 ? 3.752   5.540   -4.631  1.00 0.00 ? 12 G   B "H2'"  1 
ATOM   383 H "HO2'" . G   B 2 3 ? 3.317   6.887   -6.204  1.00 0.00 ? 12 G   B "HO2'" 1 
ATOM   384 H "H1'"  . G   B 2 3 ? 5.493   5.057   -6.765  1.00 0.00 ? 12 G   B "H1'"  1 
ATOM   385 H H8     . G   B 2 3 ? 6.861   3.401   -3.830  1.00 0.00 ? 12 G   B H8     1 
ATOM   386 H H1     . G   B 2 3 ? 1.840   0.247   -6.269  1.00 0.00 ? 12 G   B H1     1 
ATOM   387 H H21    . G   B 2 3 ? 0.904   1.432   -7.811  1.00 0.00 ? 12 G   B H21    1 
ATOM   388 H H22    . G   B 2 3 ? 1.630   2.969   -8.302  1.00 0.00 ? 12 G   B H22    1 
ATOM   389 P P      . C   B 2 4 ? 4.000   7.656   -2.044  1.00 0.00 ? 13 C   B P      1 
ATOM   390 O OP1    . C   B 2 4 ? 3.727   8.936   -1.367  1.00 0.00 ? 13 C   B OP1    1 
ATOM   391 O OP2    . C   B 2 4 ? 4.347   6.483   -1.213  1.00 0.00 ? 13 C   B OP2    1 
ATOM   392 O "O5'"  . C   B 2 4 ? 2.641   7.360   -2.805  1.00 0.00 ? 13 C   B "O5'"  1 
ATOM   393 C "C5'"  . C   B 2 4 ? 2.172   8.222   -3.837  1.00 0.00 ? 13 C   B "C5'"  1 
ATOM   394 C "C4'"  . C   B 2 4 ? 1.069   7.545   -4.665  1.00 0.00 ? 13 C   B "C4'"  1 
ATOM   395 O "O4'"  . C   B 2 4 ? 1.478   6.351   -5.335  1.00 0.00 ? 13 C   B "O4'"  1 
ATOM   396 C "C3'"  . C   B 2 4 ? -0.117  7.168   -3.792  1.00 0.00 ? 13 C   B "C3'"  1 
ATOM   397 O "O3'"  . C   B 2 4 ? -0.890  8.321   -3.479  1.00 0.00 ? 13 C   B "O3'"  1 
ATOM   398 C "C2'"  . C   B 2 4 ? -0.796  6.128   -4.691  1.00 0.00 ? 13 C   B "C2'"  1 
ATOM   399 O "O2'"  . C   B 2 4 ? -1.459  6.739   -5.789  1.00 0.00 ? 13 C   B "O2'"  1 
ATOM   400 C "C1'"  . C   B 2 4 ? 0.420   5.385   -5.251  1.00 0.00 ? 13 C   B "C1'"  1 
ATOM   401 N N1     . C   B 2 4 ? 0.800   4.205   -4.418  1.00 0.00 ? 13 C   B N1     1 
ATOM   402 C C2     . C   B 2 4 ? 0.133   2.992   -4.630  1.00 0.00 ? 13 C   B C2     1 
ATOM   403 O O2     . C   B 2 4 ? -0.752  2.884   -5.481  1.00 0.00 ? 13 C   B O2     1 
ATOM   404 N N3     . C   B 2 4 ? 0.454   1.898   -3.898  1.00 0.00 ? 13 C   B N3     1 
ATOM   405 C C4     . C   B 2 4 ? 1.386   1.999   -2.968  1.00 0.00 ? 13 C   B C4     1 
ATOM   406 N N4     . C   B 2 4 ? 1.696   0.926   -2.299  1.00 0.00 ? 13 C   B N4     1 
ATOM   407 C C5     . C   B 2 4 ? 2.093   3.199   -2.708  1.00 0.00 ? 13 C   B C5     1 
ATOM   408 C C6     . C   B 2 4 ? 1.766   4.278   -3.448  1.00 0.00 ? 13 C   B C6     1 
ATOM   409 H "H5'"  . C   B 2 4 ? 2.988   8.508   -4.499  1.00 0.00 ? 13 C   B "H5'"  1 
ATOM   410 H "H5''" . C   B 2 4 ? 1.777   9.140   -3.398  1.00 0.00 ? 13 C   B "H5''" 1 
ATOM   411 H "H4'"  . C   B 2 4 ? 0.715   8.254   -5.415  1.00 0.00 ? 13 C   B "H4'"  1 
ATOM   412 H "H3'"  . C   B 2 4 ? 0.240   6.671   -2.889  1.00 0.00 ? 13 C   B "H3'"  1 
ATOM   413 H "H2'"  . C   B 2 4 ? -1.465  5.455   -4.143  1.00 0.00 ? 13 C   B "H2'"  1 
ATOM   414 H "HO2'" . C   B 2 4 ? -2.046  7.414   -5.435  1.00 0.00 ? 13 C   B "HO2'" 1 
ATOM   415 H "H1'"  . C   B 2 4 ? 0.149   5.002   -6.236  1.00 0.00 ? 13 C   B "H1'"  1 
ATOM   416 H H41    . C   B 2 4 ? 1.257   0.044   -2.551  1.00 0.00 ? 13 C   B H41    1 
ATOM   417 H H42    . C   B 2 4 ? 2.509   0.926   -1.720  1.00 0.00 ? 13 C   B H42    1 
ATOM   418 H H5     . C   B 2 4 ? 2.759   3.296   -1.869  1.00 0.00 ? 13 C   B H5     1 
ATOM   419 H H6     . C   B 2 4 ? 2.258   5.208   -3.253  1.00 0.00 ? 13 C   B H6     1 
ATOM   420 P P      . A   B 2 5 ? -1.670  8.370   -2.107  1.00 0.00 ? 14 A   B P      1 
ATOM   421 O OP1    . A   B 2 5 ? -2.448  9.615   -1.964  1.00 0.00 ? 14 A   B OP1    1 
ATOM   422 O OP2    . A   B 2 5 ? -0.706  8.019   -1.045  1.00 0.00 ? 14 A   B OP2    1 
ATOM   423 O "O5'"  . A   B 2 5 ? -2.734  7.219   -2.308  1.00 0.00 ? 14 A   B "O5'"  1 
ATOM   424 C "C5'"  . A   B 2 5 ? -3.750  7.378   -3.294  1.00 0.00 ? 14 A   B "C5'"  1 
ATOM   425 C "C4'"  . A   B 2 5 ? -4.557  6.101   -3.514  1.00 0.00 ? 14 A   B "C4'"  1 
ATOM   426 O "O4'"  . A   B 2 5 ? -3.778  5.003   -3.956  1.00 0.00 ? 14 A   B "O4'"  1 
ATOM   427 C "C3'"  . A   B 2 5 ? -5.254  5.677   -2.235  1.00 0.00 ? 14 A   B "C3'"  1 
ATOM   428 O "O3'"  . A   B 2 5 ? -6.346  6.558   -2.028  1.00 0.00 ? 14 A   B "O3'"  1 
ATOM   429 C "C2'"  . A   B 2 5 ? -5.590  4.229   -2.624  1.00 0.00 ? 14 A   B "C2'"  1 
ATOM   430 O "O2'"  . A   B 2 5 ? -6.718  4.139   -3.482  1.00 0.00 ? 14 A   B "O2'"  1 
ATOM   431 C "C1'"  . A   B 2 5 ? -4.321  3.822   -3.382  1.00 0.00 ? 14 A   B "C1'"  1 
ATOM   432 N N9     . A   B 2 5 ? -3.332  3.161   -2.509  1.00 0.00 ? 14 A   B N9     1 
ATOM   433 C C8     . A   B 2 5 ? -2.272  3.758   -1.904  1.00 0.00 ? 14 A   B C8     1 
ATOM   434 N N7     . A   B 2 5 ? -1.468  2.951   -1.271  1.00 0.00 ? 14 A   B N7     1 
ATOM   435 C C5     . A   B 2 5 ? -2.089  1.700   -1.456  1.00 0.00 ? 14 A   B C5     1 
ATOM   436 C C6     . A   B 2 5 ? -1.812  0.375   -1.033  1.00 0.00 ? 14 A   B C6     1 
ATOM   437 N N6     . A   B 2 5 ? -0.747  -0.001  -0.351  1.00 0.00 ? 14 A   B N6     1 
ATOM   438 N N1     . A   B 2 5 ? -2.656  -0.616  -1.307  1.00 0.00 ? 14 A   B N1     1 
ATOM   439 C C2     . A   B 2 5 ? -3.764  -0.335  -1.978  1.00 0.00 ? 14 A   B C2     1 
ATOM   440 N N3     . A   B 2 5 ? -4.159  0.842   -2.474  1.00 0.00 ? 14 A   B N3     1 
ATOM   441 C C4     . A   B 2 5 ? -3.257  1.828   -2.169  1.00 0.00 ? 14 A   B C4     1 
ATOM   442 H "H5'"  . A   B 2 5 ? -3.314  7.673   -4.246  1.00 0.00 ? 14 A   B "H5'"  1 
ATOM   443 H "H5''" . A   B 2 5 ? -4.434  8.171   -2.988  1.00 0.00 ? 14 A   B "H5''" 1 
ATOM   444 H "H4'"  . A   B 2 5 ? -5.325  6.299   -4.262  1.00 0.00 ? 14 A   B "H4'"  1 
ATOM   445 H "H3'"  . A   B 2 5 ? -4.548  5.680   -1.404  1.00 0.00 ? 14 A   B "H3'"  1 
ATOM   446 H "H2'"  . A   B 2 5 ? -5.731  3.599   -1.753  1.00 0.00 ? 14 A   B "H2'"  1 
ATOM   447 H "HO2'" . A   B 2 5 ? -7.450  4.547   -3.003  1.00 0.00 ? 14 A   B "HO2'" 1 
ATOM   448 H "H1'"  . A   B 2 5 ? -4.550  3.111   -4.149  1.00 0.00 ? 14 A   B "H1'"  1 
ATOM   449 H H8     . A   B 2 5 ? -2.225  4.830   -1.913  1.00 0.00 ? 14 A   B H8     1 
ATOM   450 H H61    . A   B 2 5 ? -0.626  -0.977  -0.104  1.00 0.00 ? 14 A   B H61    1 
ATOM   451 H H62    . A   B 2 5 ? -0.062  0.692   -0.120  1.00 0.00 ? 14 A   B H62    1 
ATOM   452 H H2     . A   B 2 5 ? -4.397  -1.196  -2.140  1.00 0.00 ? 14 A   B H2     1 
ATOM   453 P P      . C   B 2 6 ? -6.675  7.128   -0.575  1.00 0.00 ? 15 C   B P      1 
ATOM   454 O OP1    . C   B 2 6 ? -7.643  8.225   -0.716  1.00 0.00 ? 15 C   B OP1    1 
ATOM   455 O OP2    . C   B 2 6 ? -5.379  7.402   0.085   1.00 0.00 ? 15 C   B OP2    1 
ATOM   456 O "O5'"  . C   B 2 6 ? -7.372  5.859   0.081   1.00 0.00 ? 15 C   B "O5'"  1 
ATOM   457 C "C5'"  . C   B 2 6 ? -8.633  5.434   -0.392  1.00 0.00 ? 15 C   B "C5'"  1 
ATOM   458 C "C4'"  . C   B 2 6 ? -8.872  3.935   -0.190  1.00 0.00 ? 15 C   B "C4'"  1 
ATOM   459 O "O4'"  . C   B 2 6 ? -7.958  3.058   -0.841  1.00 0.00 ? 15 C   B "O4'"  1 
ATOM   460 C "C3'"  . C   B 2 6 ? -9.096  3.447   1.238   1.00 0.00 ? 15 C   B "C3'"  1 
ATOM   461 O "O3'"  . C   B 2 6 ? -10.399 3.775   1.690   1.00 0.00 ? 15 C   B "O3'"  1 
ATOM   462 C "C2'"  . C   B 2 6 ? -8.943  1.938   0.987   1.00 0.00 ? 15 C   B "C2'"  1 
ATOM   463 O "O2'"  . C   B 2 6 ? -10.113 1.409   0.374   1.00 0.00 ? 15 C   B "O2'"  1 
ATOM   464 C "C1'"  . C   B 2 6 ? -7.821  1.880   -0.044  1.00 0.00 ? 15 C   B "C1'"  1 
ATOM   465 N N1     . C   B 2 6 ? -6.467  1.842   0.580   1.00 0.00 ? 15 C   B N1     1 
ATOM   466 C C2     . C   B 2 6 ? -5.891  0.609   0.896   1.00 0.00 ? 15 C   B C2     1 
ATOM   467 O O2     . C   B 2 6 ? -6.527  -0.436  0.790   1.00 0.00 ? 15 C   B O2     1 
ATOM   468 N N3     . C   B 2 6 ? -4.616  0.544   1.345   1.00 0.00 ? 15 C   B N3     1 
ATOM   469 C C4     . C   B 2 6 ? -3.925  1.658   1.465   1.00 0.00 ? 15 C   B C4     1 
ATOM   470 N N4     . C   B 2 6 ? -2.697  1.530   1.884   1.00 0.00 ? 15 C   B N4     1 
ATOM   471 C C5     . C   B 2 6 ? -4.469  2.948   1.202   1.00 0.00 ? 15 C   B C5     1 
ATOM   472 C C6     . C   B 2 6 ? -5.761  2.997   0.781   1.00 0.00 ? 15 C   B C6     1 
ATOM   473 H "H5'"  . C   B 2 6 ? -8.716  5.641   -1.459  1.00 0.00 ? 15 C   B "H5'"  1 
ATOM   474 H "H5''" . C   B 2 6 ? -9.418  6.000   0.116   1.00 0.00 ? 15 C   B "H5''" 1 
ATOM   475 H "H4'"  . C   B 2 6 ? -9.793  3.746   -0.691  1.00 0.00 ? 15 C   B "H4'"  1 
ATOM   476 H "H3'"  . C   B 2 6 ? -8.325  3.832   1.906   1.00 0.00 ? 15 C   B "H3'"  1 
ATOM   477 H "H2'"  . C   B 2 6 ? -8.689  1.379   1.887   1.00 0.00 ? 15 C   B "H2'"  1 
ATOM   478 H "HO2'" . C   B 2 6 ? -10.855 1.908   0.742   1.00 0.00 ? 15 C   B "HO2'" 1 
ATOM   479 H "H1'"  . C   B 2 6 ? -7.947  0.980   -0.649  1.00 0.00 ? 15 C   B "H1'"  1 
ATOM   480 H H41    . C   B 2 6 ? -2.361  0.593   2.089   1.00 0.00 ? 15 C   B H41    1 
ATOM   481 H H42    . C   B 2 6 ? -2.078  2.319   1.924   1.00 0.00 ? 15 C   B H42    1 
ATOM   482 H H5     . C   B 2 6 ? -3.883  3.840   1.368   1.00 0.00 ? 15 C   B H5     1 
ATOM   483 H H6     . C   B 2 6 ? -6.305  3.916   0.588   1.00 0.00 ? 15 C   B H6     1 
ATOM   484 P P      . C   B 2 7 ? -10.733 3.814   3.236   1.00 0.00 ? 16 C   B P      1 
ATOM   485 O OP1    . C   B 2 7 ? -12.155 4.106   3.443   1.00 0.00 ? 16 C   B OP1    1 
ATOM   486 O OP2    . C   B 2 7 ? -9.759  4.625   3.985   1.00 0.00 ? 16 C   B OP2    1 
ATOM   487 O "O5'"  . C   B 2 7 ? -10.468 2.351   3.779   1.00 0.00 ? 16 C   B "O5'"  1 
ATOM   488 C "C5'"  . C   B 2 7 ? -11.321 1.259   3.489   1.00 0.00 ? 16 C   B "C5'"  1 
ATOM   489 C "C4'"  . C   B 2 7 ? -10.677 -0.032  4.004   1.00 0.00 ? 16 C   B "C4'"  1 
ATOM   490 O "O4'"  . C   B 2 7 ? -9.463  -0.382  3.350   1.00 0.00 ? 16 C   B "O4'"  1 
ATOM   491 C "C3'"  . C   B 2 7 ? -10.326 0.066   5.481   1.00 0.00 ? 16 C   B "C3'"  1 
ATOM   492 O "O3'"  . C   B 2 7 ? -11.492 -0.069  6.276   1.00 0.00 ? 16 C   B "O3'"  1 
ATOM   493 C "C2'"  . C   B 2 7 ? -9.366  -1.103  5.614   1.00 0.00 ? 16 C   B "C2'"  1 
ATOM   494 O "O2'"  . C   B 2 7 ? -10.061 -2.341  5.652   1.00 0.00 ? 16 C   B "O2'"  1 
ATOM   495 C "C1'"  . C   B 2 7 ? -8.596  -1.004  4.300   1.00 0.00 ? 16 C   B "C1'"  1 
ATOM   496 N N1     . C   B 2 7 ? -7.328  -0.240  4.488   1.00 0.00 ? 16 C   B N1     1 
ATOM   497 C C2     . C   B 2 7 ? -6.211  -0.919  4.993   1.00 0.00 ? 16 C   B C2     1 
ATOM   498 O O2     . C   B 2 7 ? -6.274  -2.088  5.365   1.00 0.00 ? 16 C   B O2     1 
ATOM   499 N N3     . C   B 2 7 ? -5.025  -0.288  5.127   1.00 0.00 ? 16 C   B N3     1 
ATOM   500 C C4     . C   B 2 7 ? -4.944  0.981   4.797   1.00 0.00 ? 16 C   B C4     1 
ATOM   501 N N4     . C   B 2 7 ? -3.776  1.535   4.947   1.00 0.00 ? 16 C   B N4     1 
ATOM   502 C C5     . C   B 2 7 ? -6.056  1.750   4.359   1.00 0.00 ? 16 C   B C5     1 
ATOM   503 C C6     . C   B 2 7 ? -7.242  1.105   4.222   1.00 0.00 ? 16 C   B C6     1 
ATOM   504 H "H5'"  . C   B 2 7 ? -11.500 1.169   2.420   1.00 0.00 ? 16 C   B "H5'"  1 
ATOM   505 H "H5''" . C   B 2 7 ? -12.281 1.406   3.987   1.00 0.00 ? 16 C   B "H5''" 1 
ATOM   506 H "H4'"  . C   B 2 7 ? -11.384 -0.853  3.873   1.00 0.00 ? 16 C   B "H4'"  1 
ATOM   507 H "H3'"  . C   B 2 7 ? -9.761  0.982   5.691   1.00 0.00 ? 16 C   B "H3'"  1 
ATOM   508 H "H2'"  . C   B 2 7 ? -8.708  -0.961  6.470   1.00 0.00 ? 16 C   B "H2'"  1 
ATOM   509 H "HO2'" . C   B 2 7 ? -10.844 -2.202  6.197   1.00 0.00 ? 16 C   B "HO2'" 1 
ATOM   510 H "H1'"  . C   B 2 7 ? -8.341  -2.012  3.984   1.00 0.00 ? 16 C   B "H1'"  1 
ATOM   511 H H41    . C   B 2 7 ? -3.000  0.938   5.219   1.00 0.00 ? 16 C   B H41    1 
ATOM   512 H H42    . C   B 2 7 ? -3.632  2.487   4.688   1.00 0.00 ? 16 C   B H42    1 
ATOM   513 H H5     . C   B 2 7 ? -5.966  2.808   4.180   1.00 0.00 ? 16 C   B H5     1 
ATOM   514 H H6     . C   B 2 7 ? -8.112  1.646   3.878   1.00 0.00 ? 16 C   B H6     1 
ATOM   515 P P      . A   B 2 8 ? -11.629 0.749   7.616   1.00 0.00 ? 17 A   B P      1 
ATOM   516 O OP1    . A   B 2 8 ? -12.963 0.436   8.172   1.00 0.00 ? 17 A   B OP1    1 
ATOM   517 O OP2    . A   B 2 8 ? -11.289 2.153   7.298   1.00 0.00 ? 17 A   B OP2    1 
ATOM   518 O "O5'"  . A   B 2 8 ? -10.475 0.102   8.499   1.00 0.00 ? 17 A   B "O5'"  1 
ATOM   519 C "C5'"  . A   B 2 8 ? -10.507 -1.252  8.937   1.00 0.00 ? 17 A   B "C5'"  1 
ATOM   520 C "C4'"  . A   B 2 8 ? -9.158  -1.663  9.554   1.00 0.00 ? 17 A   B "C4'"  1 
ATOM   521 O "O4'"  . A   B 2 8 ? -8.085  -1.728  8.618   1.00 0.00 ? 17 A   B "O4'"  1 
ATOM   522 C "C3'"  . A   B 2 8 ? -8.771  -0.723  10.688  1.00 0.00 ? 17 A   B "C3'"  1 
ATOM   523 O "O3'"  . A   B 2 8 ? -9.347  -1.140  11.918  1.00 0.00 ? 17 A   B "O3'"  1 
ATOM   524 C "C2'"  . A   B 2 8 ? -7.247  -0.806  10.646  1.00 0.00 ? 17 A   B "C2'"  1 
ATOM   525 O "O2'"  . A   B 2 8 ? -6.702  -1.835  11.452  1.00 0.00 ? 17 A   B "O2'"  1 
ATOM   526 C "C1'"  . A   B 2 8 ? -6.919  -1.165  9.206   1.00 0.00 ? 17 A   B "C1'"  1 
ATOM   527 N N9     . A   B 2 8 ? -6.497  0.040   8.512   1.00 0.00 ? 17 A   B N9     1 
ATOM   528 C C8     . A   B 2 8 ? -7.276  1.033   8.033   1.00 0.00 ? 17 A   B C8     1 
ATOM   529 N N7     . A   B 2 8 ? -6.637  2.124   7.689   1.00 0.00 ? 17 A   B N7     1 
ATOM   530 C C5     . A   B 2 8 ? -5.305  1.798   8.024   1.00 0.00 ? 17 A   B C5     1 
ATOM   531 C C6     . A   B 2 8 ? -4.052  2.460   8.039   1.00 0.00 ? 17 A   B C6     1 
ATOM   532 N N6     . A   B 2 8 ? -3.779  3.681   7.621   1.00 0.00 ? 17 A   B N6     1 
ATOM   533 N N1     . A   B 2 8 ? -2.991  1.880   8.581   1.00 0.00 ? 17 A   B N1     1 
ATOM   534 C C2     . A   B 2 8 ? -3.094  0.650   9.054   1.00 0.00 ? 17 A   B C2     1 
ATOM   535 N N3     . A   B 2 8 ? -4.167  -0.109  9.082   1.00 0.00 ? 17 A   B N3     1 
ATOM   536 C C4     . A   B 2 8 ? -5.234  0.532   8.542   1.00 0.00 ? 17 A   B C4     1 
ATOM   537 H "H5'"  . A   B 2 8 ? -10.727 -1.920  8.106   1.00 0.00 ? 17 A   B "H5'"  1 
ATOM   538 H "H5''" . A   B 2 8 ? -11.290 -1.366  9.687   1.00 0.00 ? 17 A   B "H5''" 1 
ATOM   539 H "H4'"  . A   B 2 8 ? -9.246  -2.654  9.983   1.00 0.00 ? 17 A   B "H4'"  1 
ATOM   540 H "H3'"  . A   B 2 8 ? -9.069  0.297   10.439  1.00 0.00 ? 17 A   B "H3'"  1 
ATOM   541 H "H2'"  . A   B 2 8 ? -6.830  0.170   10.880  1.00 0.00 ? 17 A   B "H2'"  1 
ATOM   542 H "HO2'" . A   B 2 8 ? -6.703  -1.515  12.364  1.00 0.00 ? 17 A   B "HO2'" 1 
ATOM   543 H "H1'"  . A   B 2 8 ? -6.051  -1.818  9.241   1.00 0.00 ? 17 A   B "H1'"  1 
ATOM   544 H H8     . A   B 2 8 ? -8.336  0.878   8.057   1.00 0.00 ? 17 A   B H8     1 
ATOM   545 H H61    . A   B 2 8 ? -2.818  3.989   7.723   1.00 0.00 ? 17 A   B H61    1 
ATOM   546 H H62    . A   B 2 8 ? -4.508  4.249   7.236   1.00 0.00 ? 17 A   B H62    1 
ATOM   547 H H2     . A   B 2 8 ? -2.205  0.227   9.493   1.00 0.00 ? 17 A   B H2     1 
ATOM   548 P P      . U   B 2 9 ? -9.258  -0.223  13.198  1.00 0.00 ? 18 U   B P      1 
ATOM   549 O OP1    . U   B 2 9 ? -10.099 -0.773  14.275  1.00 0.00 ? 18 U   B OP1    1 
ATOM   550 O OP2    . U   B 2 9 ? -9.572  1.166   12.823  1.00 0.00 ? 18 U   B OP2    1 
ATOM   551 O "O5'"  . U   B 2 9 ? -7.747  -0.238  13.678  1.00 0.00 ? 18 U   B "O5'"  1 
ATOM   552 C "C5'"  . U   B 2 9 ? -7.205  -1.272  14.484  1.00 0.00 ? 18 U   B "C5'"  1 
ATOM   553 C "C4'"  . U   B 2 9 ? -5.741  -0.908  14.768  1.00 0.00 ? 18 U   B "C4'"  1 
ATOM   554 O "O4'"  . U   B 2 9 ? -5.040  -0.643  13.563  1.00 0.00 ? 18 U   B "O4'"  1 
ATOM   555 C "C3'"  . U   B 2 9 ? -5.640  0.396   15.550  1.00 0.00 ? 18 U   B "C3'"  1 
ATOM   556 O "O3'"  . U   B 2 9 ? -5.837  0.232   16.948  1.00 0.00 ? 18 U   B "O3'"  1 
ATOM   557 C "C2'"  . U   B 2 9 ? -4.288  0.974   15.194  1.00 0.00 ? 18 U   B "C2'"  1 
ATOM   558 O "O2'"  . U   B 2 9 ? -3.260  0.569   16.083  1.00 0.00 ? 18 U   B "O2'"  1 
ATOM   559 C "C1'"  . U   B 2 9 ? -4.080  0.382   13.801  1.00 0.00 ? 18 U   B "C1'"  1 
ATOM   560 N N1     . U   B 2 9 ? -4.091  1.472   12.788  1.00 0.00 ? 18 U   B N1     1 
ATOM   561 C C2     . U   B 2 9 ? -2.875  2.098   12.502  1.00 0.00 ? 18 U   B C2     1 
ATOM   562 O O2     . U   B 2 9 ? -1.800  1.724   12.962  1.00 0.00 ? 18 U   B O2     1 
ATOM   563 N N3     . U   B 2 9 ? -2.921  3.223   11.713  1.00 0.00 ? 18 U   B N3     1 
ATOM   564 C C4     . U   B 2 9 ? -4.047  3.817   11.205  1.00 0.00 ? 18 U   B C4     1 
ATOM   565 O O4     . U   B 2 9 ? -3.950  4.909   10.643  1.00 0.00 ? 18 U   B O4     1 
ATOM   566 C C5     . U   B 2 9 ? -5.270  3.074   11.471  1.00 0.00 ? 18 U   B C5     1 
ATOM   567 C C6     . U   B 2 9 ? -5.265  1.971   12.274  1.00 0.00 ? 18 U   B C6     1 
ATOM   568 H "H5'"  . U   B 2 9 ? -7.262  -2.236  13.976  1.00 0.00 ? 18 U   B "H5'"  1 
ATOM   569 H "H5''" . U   B 2 9 ? -7.752  -1.339  15.426  1.00 0.00 ? 18 U   B "H5''" 1 
ATOM   570 H "H4'"  . U   B 2 9 ? -5.253  -1.709  15.324  1.00 0.00 ? 18 U   B "H4'"  1 
ATOM   571 H "H3'"  . U   B 2 9 ? -6.326  1.094   15.103  1.00 0.00 ? 18 U   B "H3'"  1 
ATOM   572 H "HO3'" . U   B 2 9 ? -6.042  1.091   17.335  1.00 0.00 ? 18 U   B "HO3'" 1 
ATOM   573 H "H2'"  . U   B 2 9 ? -4.374  2.063   15.131  1.00 0.00 ? 18 U   B "H2'"  1 
ATOM   574 H "HO2'" . U   B 2 9 ? -3.516  -0.274  16.473  1.00 0.00 ? 18 U   B "HO2'" 1 
ATOM   575 H "H1'"  . U   B 2 9 ? -3.112  -0.081  13.794  1.00 0.00 ? 18 U   B "H1'"  1 
ATOM   576 H H3     . U   B 2 9 ? -2.039  3.673   11.516  1.00 0.00 ? 18 U   B H3     1 
ATOM   577 H H5     . U   B 2 9 ? -6.200  3.411   11.025  1.00 0.00 ? 18 U   B H5     1 
ATOM   578 H H6     . U   B 2 9 ? -6.181  1.452   12.521  1.00 0.00 ? 18 U   B H6     1 
# 
